data_2I9N
#
_entry.id   2I9N
#
_cell.length_a   1.000
_cell.length_b   1.000
_cell.length_c   1.000
_cell.angle_alpha   90.00
_cell.angle_beta   90.00
_cell.angle_gamma   90.00
#
_symmetry.space_group_name_H-M   'P 1'
#
_entity_poly.entity_id   1
_entity_poly.type   'polypeptide(L)'
_entity_poly.pdbx_seq_one_letter_code
;RGKWTYNGITYEGGGGSAAEAYAKRIAEAMAKG
;
_entity_poly.pdbx_strand_id   A
#
# COMPACT_ATOMS: atom_id res chain seq x y z
N ARG A 1 5.61 -9.04 -3.68
CA ARG A 1 6.60 -9.97 -4.19
C ARG A 1 7.10 -9.50 -5.57
N GLY A 2 8.20 -8.75 -5.55
CA GLY A 2 8.78 -8.24 -6.77
C GLY A 2 8.20 -6.86 -7.11
N LYS A 3 9.09 -5.87 -7.15
CA LYS A 3 8.70 -4.51 -7.46
C LYS A 3 7.93 -4.50 -8.79
N TRP A 4 6.96 -3.62 -8.86
CA TRP A 4 6.15 -3.50 -10.06
C TRP A 4 6.53 -2.18 -10.76
N THR A 5 5.79 -1.88 -11.81
CA THR A 5 6.05 -0.66 -12.57
C THR A 5 4.72 0.03 -12.94
N TYR A 6 4.46 1.14 -12.28
CA TYR A 6 3.24 1.89 -12.52
C TYR A 6 3.48 2.98 -13.57
N ASN A 7 4.36 3.91 -13.23
CA ASN A 7 4.68 5.00 -14.12
C ASN A 7 6.20 5.14 -14.23
N GLY A 8 6.84 4.05 -14.60
CA GLY A 8 8.28 4.03 -14.75
C GLY A 8 8.97 4.19 -13.39
N ILE A 9 8.23 3.83 -12.35
CA ILE A 9 8.76 3.94 -10.99
C ILE A 9 8.64 2.58 -10.30
N THR A 10 9.78 2.07 -9.85
CA THR A 10 9.82 0.79 -9.18
C THR A 10 9.34 0.94 -7.72
N TYR A 11 8.19 0.35 -7.45
CA TYR A 11 7.62 0.42 -6.10
C TYR A 11 8.16 -0.72 -5.24
N GLU A 12 8.11 -0.49 -3.94
CA GLU A 12 8.58 -1.48 -2.98
C GLU A 12 7.50 -1.79 -1.95
N GLY A 13 7.71 -2.88 -1.23
CA GLY A 13 6.76 -3.29 -0.20
C GLY A 13 5.95 -4.51 -0.68
N GLY A 14 6.66 -5.60 -0.90
CA GLY A 14 6.02 -6.83 -1.36
C GLY A 14 5.21 -6.59 -2.63
N GLY A 15 3.90 -6.47 -2.46
CA GLY A 15 3.02 -6.24 -3.59
C GLY A 15 1.92 -5.25 -3.22
N GLY A 16 1.23 -4.77 -4.26
CA GLY A 16 0.14 -3.83 -4.06
C GLY A 16 -1.21 -4.49 -4.25
N SER A 17 -1.98 -4.54 -3.18
CA SER A 17 -3.30 -5.14 -3.22
C SER A 17 -4.36 -4.08 -3.54
N ALA A 18 -5.53 -4.55 -3.93
CA ALA A 18 -6.63 -3.66 -4.25
C ALA A 18 -7.55 -3.52 -3.05
N ALA A 19 -7.75 -4.64 -2.36
CA ALA A 19 -8.60 -4.66 -1.19
C ALA A 19 -7.96 -3.82 -0.08
N GLU A 20 -6.64 -3.83 -0.06
CA GLU A 20 -5.88 -3.08 0.93
C GLU A 20 -6.24 -1.59 0.84
N ALA A 21 -6.86 -1.22 -0.26
CA ALA A 21 -7.26 0.16 -0.48
C ALA A 21 -7.79 0.74 0.85
N TYR A 22 -8.72 0.01 1.44
CA TYR A 22 -9.31 0.44 2.69
C TYR A 22 -8.29 0.36 3.84
N ALA A 23 -7.44 -0.66 3.76
CA ALA A 23 -6.42 -0.86 4.78
C ALA A 23 -5.53 0.39 4.86
N LYS A 24 -4.89 0.68 3.74
CA LYS A 24 -4.00 1.83 3.67
C LYS A 24 -4.64 3.01 4.41
N ARG A 25 -5.94 3.17 4.19
CA ARG A 25 -6.68 4.24 4.83
C ARG A 25 -6.73 4.02 6.35
N ILE A 26 -7.17 2.83 6.73
CA ILE A 26 -7.28 2.48 8.14
C ILE A 26 -5.93 2.74 8.81
N ALA A 27 -4.89 2.71 8.01
CA ALA A 27 -3.54 2.93 8.52
C ALA A 27 -3.57 4.06 9.55
N GLU A 28 -4.43 5.03 9.29
CA GLU A 28 -4.57 6.17 10.19
C GLU A 28 -5.34 5.76 11.45
N ALA A 29 -6.57 5.31 11.22
CA ALA A 29 -7.42 4.89 12.33
C ALA A 29 -6.58 4.12 13.35
N MET A 30 -5.76 3.22 12.83
CA MET A 30 -4.90 2.40 13.68
C MET A 30 -4.16 3.28 14.70
N ALA A 31 -3.46 4.28 14.19
CA ALA A 31 -2.72 5.19 15.04
C ALA A 31 -3.69 5.90 15.99
N LYS A 32 -3.18 6.22 17.17
CA LYS A 32 -3.98 6.90 18.18
C LYS A 32 -3.07 7.47 19.26
N GLY A 33 -3.60 8.43 19.99
CA GLY A 33 -2.84 9.07 21.06
C GLY A 33 -3.51 8.86 22.41
N ARG A 1 1.45 -4.15 1.51
CA ARG A 1 2.34 -3.59 0.52
C ARG A 1 2.96 -4.71 -0.33
N GLY A 2 3.35 -4.35 -1.55
CA GLY A 2 3.94 -5.32 -2.46
C GLY A 2 4.13 -4.71 -3.85
N LYS A 3 5.34 -4.23 -4.09
CA LYS A 3 5.66 -3.63 -5.38
C LYS A 3 5.35 -4.62 -6.50
N TRP A 4 5.17 -4.08 -7.70
CA TRP A 4 4.86 -4.90 -8.85
C TRP A 4 5.91 -4.62 -9.93
N THR A 5 6.82 -5.57 -10.09
CA THR A 5 7.87 -5.44 -11.07
C THR A 5 7.29 -5.48 -12.49
N TYR A 6 7.04 -4.29 -13.02
CA TYR A 6 6.49 -4.17 -14.36
C TYR A 6 7.51 -3.57 -15.32
N ASN A 7 7.61 -4.19 -16.48
CA ASN A 7 8.55 -3.71 -17.50
C ASN A 7 9.98 -3.97 -17.02
N GLY A 8 10.11 -4.95 -16.15
CA GLY A 8 11.42 -5.30 -15.60
C GLY A 8 11.93 -4.21 -14.66
N ILE A 9 10.99 -3.57 -13.99
CA ILE A 9 11.33 -2.51 -13.05
C ILE A 9 10.33 -2.52 -11.88
N THR A 10 10.87 -2.29 -10.70
CA THR A 10 10.04 -2.27 -9.50
C THR A 10 9.61 -0.84 -9.17
N TYR A 11 8.34 -0.71 -8.80
CA TYR A 11 7.79 0.59 -8.47
C TYR A 11 7.73 0.78 -6.94
N GLU A 12 7.15 1.90 -6.54
CA GLU A 12 7.01 2.20 -5.13
C GLU A 12 5.54 2.23 -4.73
N GLY A 13 4.74 2.93 -5.53
CA GLY A 13 3.32 3.04 -5.27
C GLY A 13 2.84 4.47 -5.47
N GLY A 14 3.04 4.97 -6.68
CA GLY A 14 2.63 6.32 -7.02
C GLY A 14 2.90 7.28 -5.85
N GLY A 15 2.07 8.31 -5.76
CA GLY A 15 2.21 9.30 -4.72
C GLY A 15 1.39 8.92 -3.49
N GLY A 16 1.60 7.70 -3.01
CA GLY A 16 0.89 7.21 -1.85
C GLY A 16 0.83 5.68 -1.85
N SER A 17 -0.40 5.17 -1.90
CA SER A 17 -0.61 3.74 -1.92
C SER A 17 -1.92 3.41 -2.64
N ALA A 18 -2.06 2.14 -2.99
CA ALA A 18 -3.26 1.68 -3.68
C ALA A 18 -4.17 0.95 -2.68
N ALA A 19 -3.52 0.20 -1.79
CA ALA A 19 -4.25 -0.56 -0.79
C ALA A 19 -4.93 0.41 0.18
N GLU A 20 -4.40 1.63 0.22
CA GLU A 20 -4.94 2.65 1.10
C GLU A 20 -6.48 2.63 1.05
N ALA A 21 -6.99 2.18 -0.07
CA ALA A 21 -8.44 2.11 -0.26
C ALA A 21 -9.09 1.61 1.04
N TYR A 22 -8.58 0.48 1.52
CA TYR A 22 -9.09 -0.11 2.75
C TYR A 22 -7.99 -0.21 3.81
N ALA A 23 -6.80 -0.58 3.35
CA ALA A 23 -5.66 -0.73 4.24
C ALA A 23 -5.55 0.52 5.13
N LYS A 24 -5.69 1.67 4.49
CA LYS A 24 -5.60 2.94 5.20
C LYS A 24 -6.59 2.92 6.37
N ARG A 25 -7.79 2.46 6.08
CA ARG A 25 -8.83 2.39 7.10
C ARG A 25 -8.44 1.39 8.19
N ILE A 26 -7.79 0.31 7.76
CA ILE A 26 -7.36 -0.72 8.68
C ILE A 26 -6.47 -0.10 9.76
N ALA A 27 -5.43 0.59 9.31
CA ALA A 27 -4.50 1.23 10.23
C ALA A 27 -5.30 1.99 11.30
N GLU A 28 -6.24 2.79 10.82
CA GLU A 28 -7.07 3.57 11.73
C GLU A 28 -7.69 2.67 12.80
N ALA A 29 -8.48 1.71 12.34
CA ALA A 29 -9.13 0.77 13.24
C ALA A 29 -8.11 0.28 14.27
N MET A 30 -7.05 -0.33 13.77
CA MET A 30 -6.00 -0.85 14.63
C MET A 30 -5.67 0.13 15.75
N ALA A 31 -5.36 1.35 15.36
CA ALA A 31 -5.03 2.40 16.31
C ALA A 31 -3.91 1.90 17.22
N LYS A 32 -2.94 1.24 16.62
CA LYS A 32 -1.81 0.71 17.37
C LYS A 32 -2.29 -0.46 18.24
N GLY A 33 -3.38 -1.07 17.81
CA GLY A 33 -3.94 -2.19 18.54
C GLY A 33 -4.93 -2.98 17.68
N ARG A 1 -3.53 2.91 -6.21
CA ARG A 1 -3.49 4.27 -6.70
C ARG A 1 -2.15 4.55 -7.39
N GLY A 2 -2.07 4.11 -8.63
CA GLY A 2 -0.86 4.30 -9.41
C GLY A 2 0.33 3.58 -8.77
N LYS A 3 1.46 3.60 -9.48
CA LYS A 3 2.66 2.95 -9.00
C LYS A 3 3.02 3.53 -7.63
N TRP A 4 3.61 2.67 -6.79
CA TRP A 4 4.01 3.08 -5.46
C TRP A 4 5.54 3.04 -5.39
N THR A 5 6.05 3.28 -4.19
CA THR A 5 7.49 3.26 -3.98
C THR A 5 7.83 2.51 -2.70
N TYR A 6 8.39 1.32 -2.88
CA TYR A 6 8.76 0.48 -1.75
C TYR A 6 10.23 0.67 -1.40
N ASN A 7 11.09 0.46 -2.40
CA ASN A 7 12.51 0.61 -2.20
C ASN A 7 12.98 1.93 -2.83
N GLY A 8 12.95 1.95 -4.16
CA GLY A 8 13.36 3.14 -4.89
C GLY A 8 13.11 2.98 -6.39
N ILE A 9 12.04 2.25 -6.70
CA ILE A 9 11.67 2.01 -8.08
C ILE A 9 10.14 2.00 -8.21
N THR A 10 9.65 2.92 -9.03
CA THR A 10 8.22 3.03 -9.25
C THR A 10 7.59 1.64 -9.45
N TYR A 11 7.10 1.09 -8.35
CA TYR A 11 6.49 -0.23 -8.39
C TYR A 11 5.06 -0.15 -8.94
N GLU A 12 4.71 -1.14 -9.74
CA GLU A 12 3.39 -1.20 -10.34
C GLU A 12 2.46 -2.06 -9.49
N GLY A 13 3.04 -3.07 -8.87
CA GLY A 13 2.28 -3.98 -8.02
C GLY A 13 1.55 -5.04 -8.86
N GLY A 14 1.90 -6.28 -8.60
CA GLY A 14 1.29 -7.39 -9.33
C GLY A 14 0.01 -7.86 -8.63
N GLY A 15 0.13 -9.01 -7.98
CA GLY A 15 -1.00 -9.59 -7.26
C GLY A 15 -0.76 -9.58 -5.75
N GLY A 16 -1.06 -8.45 -5.13
CA GLY A 16 -0.87 -8.31 -3.70
C GLY A 16 -1.81 -9.26 -2.94
N SER A 17 -1.94 -8.99 -1.64
CA SER A 17 -2.77 -9.81 -0.79
C SER A 17 -4.19 -9.20 -0.71
N ALA A 18 -5.18 -10.06 -0.81
CA ALA A 18 -6.56 -9.62 -0.75
C ALA A 18 -6.74 -8.70 0.45
N ALA A 19 -6.41 -9.23 1.61
CA ALA A 19 -6.53 -8.47 2.84
C ALA A 19 -5.69 -7.20 2.74
N GLU A 20 -4.40 -7.39 2.48
CA GLU A 20 -3.49 -6.27 2.35
C GLU A 20 -4.16 -5.12 1.59
N ALA A 21 -5.07 -5.49 0.71
CA ALA A 21 -5.79 -4.50 -0.09
C ALA A 21 -6.24 -3.35 0.83
N TYR A 22 -7.10 -3.70 1.77
CA TYR A 22 -7.61 -2.71 2.72
C TYR A 22 -6.73 -2.63 3.96
N ALA A 23 -6.28 -3.80 4.41
CA ALA A 23 -5.43 -3.87 5.59
C ALA A 23 -4.33 -2.82 5.48
N LYS A 24 -3.72 -2.76 4.31
CA LYS A 24 -2.65 -1.82 4.06
C LYS A 24 -3.16 -0.40 4.33
N ARG A 25 -4.35 -0.13 3.80
CA ARG A 25 -4.96 1.18 3.97
C ARG A 25 -5.20 1.47 5.46
N ILE A 26 -5.55 0.41 6.19
CA ILE A 26 -5.80 0.53 7.61
C ILE A 26 -4.56 1.12 8.30
N ALA A 27 -3.43 0.45 8.08
CA ALA A 27 -2.18 0.89 8.67
C ALA A 27 -2.03 2.40 8.47
N GLU A 28 -2.24 2.83 7.25
CA GLU A 28 -2.13 4.24 6.91
C GLU A 28 -3.04 5.07 7.83
N ALA A 29 -4.33 4.79 7.75
CA ALA A 29 -5.30 5.49 8.56
C ALA A 29 -4.79 5.58 10.01
N MET A 30 -4.57 4.41 10.59
CA MET A 30 -4.08 4.33 11.96
C MET A 30 -3.06 5.44 12.23
N ALA A 31 -2.04 5.49 11.39
CA ALA A 31 -1.00 6.48 11.52
C ALA A 31 -1.62 7.83 11.88
N LYS A 32 -2.46 8.32 10.97
CA LYS A 32 -3.12 9.60 11.17
C LYS A 32 -3.74 9.62 12.58
N GLY A 33 -4.69 8.72 12.78
CA GLY A 33 -5.37 8.63 14.07
C GLY A 33 -6.42 9.73 14.21
N ARG A 1 9.62 -7.96 -15.79
CA ARG A 1 9.01 -6.93 -14.97
C ARG A 1 9.24 -7.21 -13.49
N GLY A 2 8.96 -6.20 -12.67
CA GLY A 2 9.15 -6.34 -11.24
C GLY A 2 8.94 -4.99 -10.53
N LYS A 3 8.19 -5.04 -9.43
CA LYS A 3 7.91 -3.85 -8.67
C LYS A 3 9.23 -3.19 -8.24
N TRP A 4 9.18 -1.88 -8.07
CA TRP A 4 10.36 -1.14 -7.68
C TRP A 4 9.97 -0.26 -6.49
N THR A 5 10.97 0.04 -5.66
CA THR A 5 10.75 0.88 -4.49
C THR A 5 11.48 2.21 -4.64
N TYR A 6 10.71 3.23 -5.00
CA TYR A 6 11.26 4.55 -5.18
C TYR A 6 10.94 5.45 -3.98
N ASN A 7 9.67 5.51 -3.65
CA ASN A 7 9.22 6.33 -2.53
C ASN A 7 8.90 5.42 -1.34
N GLY A 8 9.58 4.28 -1.31
CA GLY A 8 9.38 3.32 -0.24
C GLY A 8 8.00 2.66 -0.35
N ILE A 9 7.39 2.83 -1.51
CA ILE A 9 6.07 2.25 -1.76
C ILE A 9 6.11 1.45 -3.06
N THR A 10 5.78 0.18 -2.94
CA THR A 10 5.77 -0.70 -4.08
C THR A 10 4.58 -0.38 -5.00
N TYR A 11 4.91 0.05 -6.21
CA TYR A 11 3.89 0.39 -7.18
C TYR A 11 3.48 -0.83 -8.00
N GLU A 12 4.44 -1.35 -8.75
CA GLU A 12 4.18 -2.51 -9.58
C GLU A 12 3.96 -3.76 -8.71
N GLY A 13 3.63 -4.85 -9.37
CA GLY A 13 3.39 -6.10 -8.67
C GLY A 13 1.94 -6.17 -8.16
N GLY A 14 1.83 -6.37 -6.85
CA GLY A 14 0.52 -6.47 -6.23
C GLY A 14 -0.20 -7.74 -6.65
N GLY A 15 -1.38 -7.93 -6.07
CA GLY A 15 -2.18 -9.11 -6.37
C GLY A 15 -3.62 -8.93 -5.91
N GLY A 16 -3.81 -8.95 -4.60
CA GLY A 16 -5.13 -8.79 -4.03
C GLY A 16 -5.04 -8.37 -2.55
N SER A 17 -5.75 -7.31 -2.23
CA SER A 17 -5.76 -6.81 -0.86
C SER A 17 -6.37 -7.85 0.08
N ALA A 18 -5.58 -8.87 0.36
CA ALA A 18 -6.03 -9.94 1.24
C ALA A 18 -6.36 -9.35 2.61
N ALA A 19 -5.45 -8.53 3.10
CA ALA A 19 -5.63 -7.90 4.41
C ALA A 19 -5.71 -6.38 4.22
N GLU A 20 -5.43 -5.95 3.00
CA GLU A 20 -5.46 -4.53 2.68
C GLU A 20 -6.88 -4.00 2.78
N ALA A 21 -7.84 -4.91 2.68
CA ALA A 21 -9.24 -4.55 2.77
C ALA A 21 -9.46 -3.62 3.97
N TYR A 22 -8.80 -3.97 5.06
CA TYR A 22 -8.91 -3.19 6.28
C TYR A 22 -7.74 -2.23 6.43
N ALA A 23 -6.57 -2.71 6.05
CA ALA A 23 -5.36 -1.91 6.13
C ALA A 23 -5.63 -0.52 5.53
N LYS A 24 -6.38 -0.53 4.44
CA LYS A 24 -6.72 0.71 3.77
C LYS A 24 -7.47 1.63 4.73
N ARG A 25 -8.47 1.05 5.38
CA ARG A 25 -9.28 1.80 6.33
C ARG A 25 -8.40 2.32 7.47
N ILE A 26 -7.38 1.54 7.80
CA ILE A 26 -6.46 1.92 8.86
C ILE A 26 -5.79 3.25 8.50
N ALA A 27 -5.11 3.25 7.35
CA ALA A 27 -4.42 4.44 6.89
C ALA A 27 -5.37 5.64 6.99
N GLU A 28 -6.57 5.45 6.48
CA GLU A 28 -7.58 6.50 6.50
C GLU A 28 -7.76 7.02 7.93
N ALA A 29 -8.16 6.12 8.81
CA ALA A 29 -8.37 6.47 10.20
C ALA A 29 -7.26 7.42 10.66
N MET A 30 -6.04 6.92 10.64
CA MET A 30 -4.89 7.71 11.05
C MET A 30 -4.99 9.14 10.52
N ALA A 31 -5.06 9.25 9.19
CA ALA A 31 -5.16 10.55 8.56
C ALA A 31 -4.09 11.47 9.12
N LYS A 32 -2.97 10.87 9.52
CA LYS A 32 -1.87 11.63 10.08
C LYS A 32 -0.96 12.11 8.94
N GLY A 33 -0.33 13.26 9.17
CA GLY A 33 0.56 13.83 8.19
C GLY A 33 1.90 14.21 8.82
N ARG A 1 13.59 -6.47 -3.17
CA ARG A 1 12.46 -5.85 -2.50
C ARG A 1 12.46 -4.33 -2.73
N GLY A 2 11.39 -3.86 -3.36
CA GLY A 2 11.27 -2.44 -3.65
C GLY A 2 10.40 -2.21 -4.90
N LYS A 3 9.09 -2.25 -4.68
CA LYS A 3 8.15 -2.06 -5.77
C LYS A 3 8.45 -0.73 -6.46
N TRP A 4 8.34 -0.75 -7.78
CA TRP A 4 8.60 0.45 -8.57
C TRP A 4 7.29 0.85 -9.25
N THR A 5 7.39 1.87 -10.10
CA THR A 5 6.23 2.36 -10.82
C THR A 5 6.64 2.86 -12.21
N TYR A 6 6.31 2.05 -13.22
CA TYR A 6 6.63 2.40 -14.58
C TYR A 6 5.48 3.14 -15.26
N ASN A 7 4.36 2.44 -15.37
CA ASN A 7 3.17 3.01 -16.00
C ASN A 7 2.48 3.94 -14.99
N GLY A 8 1.81 3.33 -14.03
CA GLY A 8 1.11 4.08 -13.00
C GLY A 8 0.48 3.15 -11.98
N ILE A 9 1.16 2.06 -11.71
CA ILE A 9 0.68 1.07 -10.75
C ILE A 9 1.85 0.28 -10.20
N THR A 10 1.78 -0.01 -8.91
CA THR A 10 2.83 -0.77 -8.25
C THR A 10 2.70 -2.26 -8.57
N TYR A 11 3.82 -2.87 -8.92
CA TYR A 11 3.83 -4.28 -9.25
C TYR A 11 4.29 -5.12 -8.05
N GLU A 12 5.52 -4.89 -7.64
CA GLU A 12 6.08 -5.62 -6.51
C GLU A 12 5.39 -5.19 -5.21
N GLY A 13 5.66 -5.95 -4.16
CA GLY A 13 5.08 -5.66 -2.86
C GLY A 13 4.21 -6.81 -2.38
N GLY A 14 3.48 -6.55 -1.30
CA GLY A 14 2.60 -7.56 -0.73
C GLY A 14 1.29 -6.93 -0.24
N GLY A 15 0.39 -7.79 0.21
CA GLY A 15 -0.90 -7.34 0.71
C GLY A 15 -1.98 -7.48 -0.36
N GLY A 16 -2.76 -6.43 -0.52
CA GLY A 16 -3.83 -6.42 -1.50
C GLY A 16 -3.46 -5.56 -2.71
N SER A 17 -4.48 -4.94 -3.28
CA SER A 17 -4.27 -4.09 -4.45
C SER A 17 -3.87 -2.68 -4.01
N ALA A 18 -3.48 -1.88 -4.98
CA ALA A 18 -3.07 -0.52 -4.71
C ALA A 18 -4.00 0.09 -3.65
N ALA A 19 -5.24 -0.38 -3.65
CA ALA A 19 -6.22 0.10 -2.71
C ALA A 19 -5.66 -0.03 -1.29
N GLU A 20 -5.21 -1.24 -0.98
CA GLU A 20 -4.65 -1.51 0.33
C GLU A 20 -3.81 -0.33 0.81
N ALA A 21 -3.24 0.38 -0.15
CA ALA A 21 -2.41 1.53 0.16
C ALA A 21 -3.04 2.32 1.30
N TYR A 22 -4.25 2.80 1.04
CA TYR A 22 -4.98 3.58 2.03
C TYR A 22 -5.53 2.68 3.13
N ALA A 23 -6.07 1.55 2.70
CA ALA A 23 -6.64 0.59 3.65
C ALA A 23 -5.74 0.51 4.89
N LYS A 24 -4.46 0.75 4.65
CA LYS A 24 -3.48 0.69 5.73
C LYS A 24 -3.72 1.87 6.68
N ARG A 25 -3.70 3.06 6.11
CA ARG A 25 -3.92 4.27 6.89
C ARG A 25 -5.22 4.17 7.69
N ILE A 26 -6.14 3.38 7.17
CA ILE A 26 -7.42 3.18 7.82
C ILE A 26 -7.19 2.47 9.16
N ALA A 27 -6.68 1.25 9.06
CA ALA A 27 -6.41 0.45 10.24
C ALA A 27 -5.77 1.34 11.31
N GLU A 28 -4.75 2.06 10.89
CA GLU A 28 -4.04 2.95 11.80
C GLU A 28 -5.03 3.85 12.55
N ALA A 29 -5.76 4.64 11.78
CA ALA A 29 -6.74 5.53 12.35
C ALA A 29 -7.48 4.82 13.48
N MET A 30 -8.14 3.73 13.13
CA MET A 30 -8.88 2.95 14.11
C MET A 30 -8.06 2.74 15.38
N ALA A 31 -6.87 2.18 15.20
CA ALA A 31 -5.98 1.92 16.31
C ALA A 31 -5.44 3.25 16.86
N LYS A 32 -5.85 3.57 18.07
CA LYS A 32 -5.43 4.80 18.71
C LYS A 32 -3.91 4.91 18.63
N GLY A 33 -3.40 6.07 19.00
CA GLY A 33 -1.97 6.31 18.97
C GLY A 33 -1.48 6.81 20.34
N ARG A 1 -0.28 -5.92 -13.98
CA ARG A 1 -0.45 -4.49 -14.00
C ARG A 1 -0.38 -3.92 -12.58
N GLY A 2 0.38 -2.84 -12.45
CA GLY A 2 0.55 -2.20 -11.16
C GLY A 2 1.88 -1.44 -11.09
N LYS A 3 2.95 -2.20 -10.96
CA LYS A 3 4.28 -1.61 -10.88
C LYS A 3 4.66 -1.03 -12.25
N TRP A 4 5.47 0.02 -12.20
CA TRP A 4 5.91 0.67 -13.42
C TRP A 4 7.44 0.73 -13.40
N THR A 5 8.02 0.66 -14.59
CA THR A 5 9.46 0.70 -14.72
C THR A 5 9.90 1.95 -15.49
N TYR A 6 10.39 2.92 -14.73
CA TYR A 6 10.83 4.18 -15.34
C TYR A 6 12.33 4.13 -15.65
N ASN A 7 13.08 3.56 -14.72
CA ASN A 7 14.52 3.46 -14.89
C ASN A 7 14.87 2.02 -15.31
N GLY A 8 14.86 1.13 -14.33
CA GLY A 8 15.18 -0.26 -14.58
C GLY A 8 14.83 -1.14 -13.37
N ILE A 9 13.86 -0.67 -12.60
CA ILE A 9 13.43 -1.39 -11.41
C ILE A 9 12.01 -0.95 -11.04
N THR A 10 11.26 -1.91 -10.50
CA THR A 10 9.89 -1.64 -10.11
C THR A 10 9.86 -0.95 -8.74
N TYR A 11 9.12 0.15 -8.68
CA TYR A 11 8.99 0.90 -7.45
C TYR A 11 7.75 0.48 -6.66
N GLU A 12 6.60 0.72 -7.26
CA GLU A 12 5.34 0.36 -6.63
C GLU A 12 5.00 -1.11 -6.90
N GLY A 13 4.05 -1.62 -6.14
CA GLY A 13 3.62 -2.99 -6.29
C GLY A 13 3.19 -3.58 -4.94
N GLY A 14 2.92 -4.89 -4.97
CA GLY A 14 2.50 -5.58 -3.76
C GLY A 14 3.70 -5.94 -2.89
N GLY A 15 3.46 -5.99 -1.58
CA GLY A 15 4.51 -6.32 -0.63
C GLY A 15 3.93 -6.58 0.75
N GLY A 16 3.50 -5.51 1.39
CA GLY A 16 2.92 -5.61 2.72
C GLY A 16 1.98 -6.81 2.83
N SER A 17 1.77 -7.24 4.05
CA SER A 17 0.89 -8.38 4.30
C SER A 17 -0.54 -8.05 3.85
N ALA A 18 -1.27 -9.10 3.50
CA ALA A 18 -2.64 -8.94 3.05
C ALA A 18 -3.46 -8.27 4.15
N ALA A 19 -3.06 -8.53 5.39
CA ALA A 19 -3.74 -7.97 6.54
C ALA A 19 -3.75 -6.45 6.42
N GLU A 20 -2.80 -5.93 5.66
CA GLU A 20 -2.70 -4.50 5.45
C GLU A 20 -4.08 -3.90 5.16
N ALA A 21 -4.94 -4.73 4.60
CA ALA A 21 -6.29 -4.30 4.28
C ALA A 21 -6.91 -3.61 5.49
N TYR A 22 -7.22 -4.42 6.50
CA TYR A 22 -7.82 -3.91 7.72
C TYR A 22 -6.82 -3.02 8.49
N ALA A 23 -5.59 -3.50 8.55
CA ALA A 23 -4.54 -2.77 9.24
C ALA A 23 -4.63 -1.29 8.88
N LYS A 24 -4.85 -1.04 7.60
CA LYS A 24 -4.95 0.32 7.11
C LYS A 24 -6.14 1.02 7.78
N ARG A 25 -7.24 0.29 7.84
CA ARG A 25 -8.45 0.82 8.46
C ARG A 25 -8.18 1.19 9.92
N ILE A 26 -7.41 0.35 10.59
CA ILE A 26 -7.07 0.57 11.98
C ILE A 26 -6.45 1.96 12.12
N ALA A 27 -5.31 2.14 11.48
CA ALA A 27 -4.61 3.41 11.53
C ALA A 27 -5.61 4.54 11.34
N GLU A 28 -6.43 4.41 10.31
CA GLU A 28 -7.43 5.40 10.01
C GLU A 28 -8.27 5.72 11.25
N ALA A 29 -8.92 4.69 11.77
CA ALA A 29 -9.75 4.83 12.95
C ALA A 29 -8.97 5.60 14.02
N MET A 30 -7.83 5.03 14.40
CA MET A 30 -6.99 5.65 15.41
C MET A 30 -6.97 7.17 15.26
N ALA A 31 -6.62 7.60 14.06
CA ALA A 31 -6.56 9.03 13.76
C ALA A 31 -7.97 9.61 13.83
N LYS A 32 -8.33 10.07 15.01
CA LYS A 32 -9.65 10.66 15.22
C LYS A 32 -9.70 12.03 14.55
N GLY A 33 -8.88 12.94 15.07
CA GLY A 33 -8.82 14.29 14.53
C GLY A 33 -7.51 14.97 14.90
N ARG A 1 -3.37 -6.88 -7.57
CA ARG A 1 -2.45 -5.76 -7.37
C ARG A 1 -1.84 -5.34 -8.70
N GLY A 2 -1.22 -4.17 -8.68
CA GLY A 2 -0.59 -3.64 -9.88
C GLY A 2 0.46 -2.58 -9.52
N LYS A 3 1.62 -2.70 -10.16
CA LYS A 3 2.70 -1.77 -9.92
C LYS A 3 2.27 -0.36 -10.35
N TRP A 4 2.80 0.62 -9.65
CA TRP A 4 2.48 2.01 -9.95
C TRP A 4 3.73 2.66 -10.56
N THR A 5 3.63 3.96 -10.78
CA THR A 5 4.73 4.72 -11.34
C THR A 5 4.94 6.02 -10.57
N TYR A 6 6.03 6.06 -9.83
CA TYR A 6 6.36 7.23 -9.04
C TYR A 6 7.34 8.13 -9.77
N ASN A 7 8.52 7.58 -10.04
CA ASN A 7 9.55 8.33 -10.74
C ASN A 7 9.69 7.78 -12.17
N GLY A 8 8.54 7.49 -12.77
CA GLY A 8 8.52 6.96 -14.12
C GLY A 8 9.14 5.57 -14.16
N ILE A 9 8.88 4.79 -13.13
CA ILE A 9 9.40 3.44 -13.04
C ILE A 9 8.45 2.58 -12.21
N THR A 10 8.26 1.36 -12.66
CA THR A 10 7.38 0.43 -11.98
C THR A 10 8.01 -0.04 -10.66
N TYR A 11 7.43 0.42 -9.57
CA TYR A 11 7.94 0.07 -8.25
C TYR A 11 7.43 -1.31 -7.82
N GLU A 12 8.22 -1.96 -6.99
CA GLU A 12 7.86 -3.29 -6.50
C GLU A 12 7.21 -3.19 -5.12
N GLY A 13 5.92 -3.49 -5.09
CA GLY A 13 5.17 -3.45 -3.84
C GLY A 13 5.75 -4.42 -2.82
N GLY A 14 5.93 -3.92 -1.61
CA GLY A 14 6.47 -4.73 -0.53
C GLY A 14 5.35 -5.28 0.36
N GLY A 15 5.67 -6.35 1.06
CA GLY A 15 4.70 -6.98 1.94
C GLY A 15 4.19 -8.30 1.36
N GLY A 16 3.53 -8.18 0.21
CA GLY A 16 2.99 -9.35 -0.46
C GLY A 16 2.10 -10.16 0.49
N SER A 17 0.87 -9.68 0.67
CA SER A 17 -0.07 -10.35 1.53
C SER A 17 -1.44 -9.67 1.44
N ALA A 18 -2.42 -10.45 1.01
CA ALA A 18 -3.77 -9.95 0.87
C ALA A 18 -4.13 -9.09 2.09
N ALA A 19 -4.03 -9.72 3.26
CA ALA A 19 -4.32 -9.03 4.50
C ALA A 19 -3.72 -7.63 4.46
N GLU A 20 -2.49 -7.56 3.99
CA GLU A 20 -1.79 -6.29 3.90
C GLU A 20 -2.25 -5.52 2.65
N ALA A 21 -3.57 -5.35 2.55
CA ALA A 21 -4.13 -4.64 1.42
C ALA A 21 -5.17 -3.63 1.93
N TYR A 22 -6.13 -4.14 2.69
CA TYR A 22 -7.17 -3.30 3.25
C TYR A 22 -6.83 -2.87 4.67
N ALA A 23 -6.27 -3.81 5.42
CA ALA A 23 -5.89 -3.54 6.80
C ALA A 23 -4.98 -2.32 6.84
N LYS A 24 -3.95 -2.34 6.00
CA LYS A 24 -3.01 -1.24 5.93
C LYS A 24 -3.77 0.07 5.79
N ARG A 25 -4.92 0.00 5.13
CA ARG A 25 -5.75 1.17 4.93
C ARG A 25 -6.64 1.41 6.14
N ILE A 26 -6.89 0.33 6.88
CA ILE A 26 -7.73 0.42 8.06
C ILE A 26 -7.03 1.30 9.10
N ALA A 27 -5.83 0.89 9.48
CA ALA A 27 -5.05 1.64 10.45
C ALA A 27 -5.05 3.12 10.07
N GLU A 28 -4.73 3.37 8.82
CA GLU A 28 -4.69 4.75 8.33
C GLU A 28 -5.97 5.49 8.74
N ALA A 29 -7.09 4.98 8.27
CA ALA A 29 -8.37 5.59 8.59
C ALA A 29 -8.44 5.88 10.08
N MET A 30 -8.33 4.82 10.87
CA MET A 30 -8.38 4.95 12.31
C MET A 30 -7.64 6.20 12.78
N ALA A 31 -6.35 6.25 12.45
CA ALA A 31 -5.53 7.39 12.83
C ALA A 31 -6.32 8.68 12.63
N LYS A 32 -6.24 9.55 13.62
CA LYS A 32 -6.93 10.82 13.57
C LYS A 32 -8.44 10.57 13.61
N GLY A 33 -8.80 9.43 14.18
CA GLY A 33 -10.21 9.06 14.29
C GLY A 33 -10.81 9.58 15.59
N ARG A 1 10.83 -10.81 -10.62
CA ARG A 1 9.56 -10.11 -10.63
C ARG A 1 9.48 -9.15 -9.44
N GLY A 2 10.65 -8.66 -9.03
CA GLY A 2 10.72 -7.74 -7.91
C GLY A 2 9.92 -6.46 -8.19
N LYS A 3 10.45 -5.35 -7.69
CA LYS A 3 9.80 -4.06 -7.88
C LYS A 3 9.59 -3.82 -9.37
N TRP A 4 8.51 -3.12 -9.68
CA TRP A 4 8.19 -2.81 -11.06
C TRP A 4 8.21 -1.29 -11.23
N THR A 5 7.83 -0.85 -12.42
CA THR A 5 7.81 0.57 -12.71
C THR A 5 6.50 0.94 -13.43
N TYR A 6 5.65 1.64 -12.70
CA TYR A 6 4.36 2.07 -13.25
C TYR A 6 4.45 3.50 -13.80
N ASN A 7 4.72 4.43 -12.89
CA ASN A 7 4.83 5.82 -13.26
C ASN A 7 6.28 6.27 -13.12
N GLY A 8 7.19 5.42 -13.58
CA GLY A 8 8.61 5.72 -13.51
C GLY A 8 9.09 5.74 -12.07
N ILE A 9 8.49 4.87 -11.26
CA ILE A 9 8.84 4.78 -9.85
C ILE A 9 8.69 3.33 -9.39
N THR A 10 9.63 2.90 -8.56
CA THR A 10 9.61 1.55 -8.03
C THR A 10 8.56 1.42 -6.93
N TYR A 11 7.57 0.59 -7.21
CA TYR A 11 6.49 0.36 -6.25
C TYR A 11 6.88 -0.72 -5.24
N GLU A 12 6.22 -0.69 -4.09
CA GLU A 12 6.47 -1.65 -3.04
C GLU A 12 5.47 -2.81 -3.12
N GLY A 13 4.32 -2.51 -3.72
CA GLY A 13 3.28 -3.51 -3.86
C GLY A 13 1.95 -2.99 -3.31
N GLY A 14 1.92 -2.80 -2.00
CA GLY A 14 0.73 -2.31 -1.33
C GLY A 14 0.09 -3.40 -0.48
N GLY A 15 0.86 -3.89 0.49
CA GLY A 15 0.38 -4.93 1.38
C GLY A 15 0.28 -6.27 0.64
N GLY A 16 -0.80 -6.41 -0.12
CA GLY A 16 -1.04 -7.63 -0.87
C GLY A 16 -2.48 -7.71 -1.35
N SER A 17 -3.38 -7.97 -0.40
CA SER A 17 -4.79 -8.09 -0.72
C SER A 17 -5.41 -6.69 -0.83
N ALA A 18 -6.09 -6.46 -1.94
CA ALA A 18 -6.73 -5.17 -2.18
C ALA A 18 -7.42 -4.70 -0.89
N ALA A 19 -8.16 -5.62 -0.29
CA ALA A 19 -8.87 -5.32 0.94
C ALA A 19 -7.87 -4.96 2.03
N GLU A 20 -6.83 -5.79 2.14
CA GLU A 20 -5.80 -5.57 3.13
C GLU A 20 -4.68 -4.70 2.56
N ALA A 21 -5.09 -3.64 1.87
CA ALA A 21 -4.14 -2.73 1.26
C ALA A 21 -4.43 -1.31 1.74
N TYR A 22 -5.70 -0.92 1.64
CA TYR A 22 -6.11 0.40 2.05
C TYR A 22 -6.63 0.38 3.50
N ALA A 23 -7.37 -0.68 3.81
CA ALA A 23 -7.92 -0.83 5.15
C ALA A 23 -6.80 -0.72 6.17
N LYS A 24 -5.76 -1.52 5.96
CA LYS A 24 -4.62 -1.52 6.86
C LYS A 24 -4.20 -0.08 7.15
N ARG A 25 -4.34 0.76 6.13
CA ARG A 25 -3.97 2.16 6.26
C ARG A 25 -5.08 2.93 6.97
N ILE A 26 -6.32 2.47 6.77
CA ILE A 26 -7.47 3.10 7.38
C ILE A 26 -7.30 3.11 8.90
N ALA A 27 -7.14 1.91 9.44
CA ALA A 27 -6.97 1.76 10.88
C ALA A 27 -5.88 2.73 11.37
N GLU A 28 -4.74 2.65 10.71
CA GLU A 28 -3.61 3.51 11.06
C GLU A 28 -4.07 4.96 11.18
N ALA A 29 -4.55 5.49 10.06
CA ALA A 29 -5.02 6.87 10.02
C ALA A 29 -5.88 7.14 11.26
N MET A 30 -6.98 6.40 11.35
CA MET A 30 -7.89 6.55 12.47
C MET A 30 -7.12 6.71 13.78
N ALA A 31 -6.27 5.74 14.05
CA ALA A 31 -5.47 5.75 15.26
C ALA A 31 -4.97 7.18 15.52
N LYS A 32 -5.02 7.58 16.78
CA LYS A 32 -4.58 8.89 17.16
C LYS A 32 -4.06 8.86 18.61
N GLY A 33 -3.02 9.65 18.85
CA GLY A 33 -2.43 9.72 20.18
C GLY A 33 -2.44 11.15 20.71
N ARG A 1 9.01 -11.72 -9.00
CA ARG A 1 8.06 -10.83 -8.36
C ARG A 1 8.19 -9.42 -8.93
N GLY A 2 7.05 -8.84 -9.28
CA GLY A 2 7.02 -7.50 -9.85
C GLY A 2 6.20 -7.46 -11.13
N LYS A 3 5.72 -6.26 -11.45
CA LYS A 3 4.92 -6.07 -12.64
C LYS A 3 5.78 -5.43 -13.73
N TRP A 4 6.19 -4.20 -13.47
CA TRP A 4 7.02 -3.47 -14.42
C TRP A 4 7.87 -2.49 -13.63
N THR A 5 8.62 -1.67 -14.37
CA THR A 5 9.49 -0.68 -13.75
C THR A 5 9.47 0.62 -14.55
N TYR A 6 8.78 1.61 -14.00
CA TYR A 6 8.67 2.90 -14.65
C TYR A 6 9.77 3.86 -14.16
N ASN A 7 9.71 4.15 -12.86
CA ASN A 7 10.69 5.04 -12.25
C ASN A 7 11.37 4.32 -11.09
N GLY A 8 12.11 3.27 -11.43
CA GLY A 8 12.81 2.49 -10.43
C GLY A 8 11.86 2.00 -9.34
N ILE A 9 10.65 1.66 -9.77
CA ILE A 9 9.65 1.17 -8.84
C ILE A 9 8.87 0.03 -9.49
N THR A 10 8.47 -0.92 -8.66
CA THR A 10 7.72 -2.08 -9.13
C THR A 10 6.27 -2.02 -8.64
N TYR A 11 5.36 -2.07 -9.60
CA TYR A 11 3.94 -2.03 -9.28
C TYR A 11 3.35 -3.44 -9.20
N GLU A 12 2.18 -3.51 -8.59
CA GLU A 12 1.51 -4.79 -8.43
C GLU A 12 0.09 -4.71 -9.01
N GLY A 13 0.02 -4.22 -10.24
CA GLY A 13 -1.26 -4.10 -10.92
C GLY A 13 -2.07 -2.92 -10.36
N GLY A 14 -2.43 -3.04 -9.09
CA GLY A 14 -3.20 -2.01 -8.43
C GLY A 14 -2.33 -0.78 -8.13
N GLY A 15 -1.48 -0.94 -7.13
CA GLY A 15 -0.58 0.14 -6.73
C GLY A 15 -0.48 0.24 -5.21
N GLY A 16 0.74 0.45 -4.75
CA GLY A 16 0.99 0.57 -3.31
C GLY A 16 0.82 -0.79 -2.62
N SER A 17 1.39 -0.88 -1.42
CA SER A 17 1.30 -2.11 -0.65
C SER A 17 -0.07 -2.21 0.02
N ALA A 18 -0.59 -3.42 0.06
CA ALA A 18 -1.89 -3.67 0.67
C ALA A 18 -1.71 -3.77 2.19
N ALA A 19 -0.56 -4.28 2.58
CA ALA A 19 -0.27 -4.44 4.00
C ALA A 19 -0.21 -3.06 4.67
N GLU A 20 0.48 -2.14 3.98
CA GLU A 20 0.61 -0.79 4.49
C GLU A 20 -0.71 -0.04 4.35
N ALA A 21 -1.46 -0.40 3.33
CA ALA A 21 -2.75 0.23 3.07
C ALA A 21 -3.58 0.21 4.35
N TYR A 22 -4.02 -0.98 4.72
CA TYR A 22 -4.82 -1.15 5.92
C TYR A 22 -4.07 -0.64 7.16
N ALA A 23 -2.79 -0.94 7.20
CA ALA A 23 -1.97 -0.52 8.32
C ALA A 23 -2.22 0.96 8.61
N LYS A 24 -2.40 1.72 7.54
CA LYS A 24 -2.67 3.14 7.67
C LYS A 24 -4.03 3.35 8.33
N ARG A 25 -5.02 2.65 7.81
CA ARG A 25 -6.37 2.75 8.35
C ARG A 25 -6.38 2.36 9.83
N ILE A 26 -5.51 1.42 10.18
CA ILE A 26 -5.41 0.96 11.55
C ILE A 26 -5.19 2.16 12.47
N ALA A 27 -4.12 2.88 12.20
CA ALA A 27 -3.78 4.06 12.99
C ALA A 27 -5.03 4.94 13.13
N GLU A 28 -5.69 5.17 12.00
CA GLU A 28 -6.88 5.99 11.98
C GLU A 28 -7.90 5.47 12.99
N ALA A 29 -8.30 4.22 12.78
CA ALA A 29 -9.27 3.59 13.66
C ALA A 29 -8.97 3.98 15.11
N MET A 30 -7.77 3.64 15.54
CA MET A 30 -7.35 3.95 16.90
C MET A 30 -7.73 5.39 17.28
N ALA A 31 -7.20 6.32 16.51
CA ALA A 31 -7.48 7.73 16.75
C ALA A 31 -8.97 7.92 17.00
N LYS A 32 -9.75 7.60 15.98
CA LYS A 32 -11.20 7.73 16.07
C LYS A 32 -11.85 6.41 15.67
N GLY A 33 -12.54 5.81 16.63
CA GLY A 33 -13.21 4.54 16.40
C GLY A 33 -14.47 4.42 17.25
N ARG A 1 4.11 -9.23 -6.34
CA ARG A 1 3.82 -8.51 -5.10
C ARG A 1 2.92 -7.31 -5.39
N GLY A 2 1.85 -7.56 -6.12
CA GLY A 2 0.91 -6.51 -6.47
C GLY A 2 1.64 -5.26 -6.97
N LYS A 3 2.66 -5.51 -7.78
CA LYS A 3 3.46 -4.42 -8.33
C LYS A 3 2.57 -3.55 -9.22
N TRP A 4 2.87 -2.26 -9.22
CA TRP A 4 2.12 -1.32 -10.03
C TRP A 4 3.03 -0.81 -11.15
N THR A 5 2.52 0.16 -11.88
CA THR A 5 3.27 0.75 -12.98
C THR A 5 3.05 2.26 -13.04
N TYR A 6 4.10 3.00 -12.70
CA TYR A 6 4.04 4.45 -12.72
C TYR A 6 4.46 5.01 -14.08
N ASN A 7 5.72 4.75 -14.42
CA ASN A 7 6.25 5.21 -15.69
C ASN A 7 6.87 4.04 -16.44
N GLY A 8 6.07 2.99 -16.58
CA GLY A 8 6.52 1.80 -17.28
C GLY A 8 7.63 1.08 -16.49
N ILE A 9 7.59 1.27 -15.19
CA ILE A 9 8.58 0.66 -14.32
C ILE A 9 7.86 -0.06 -13.18
N THR A 10 8.14 -1.36 -13.07
CA THR A 10 7.53 -2.17 -12.03
C THR A 10 8.25 -1.94 -10.70
N TYR A 11 7.52 -1.34 -9.77
CA TYR A 11 8.07 -1.06 -8.45
C TYR A 11 7.85 -2.24 -7.50
N GLU A 12 8.71 -2.32 -6.50
CA GLU A 12 8.63 -3.39 -5.52
C GLU A 12 8.29 -2.84 -4.14
N GLY A 13 9.12 -1.89 -3.71
CA GLY A 13 8.93 -1.27 -2.40
C GLY A 13 8.45 -2.28 -1.37
N GLY A 14 9.24 -3.34 -1.22
CA GLY A 14 8.91 -4.40 -0.27
C GLY A 14 7.40 -4.65 -0.24
N GLY A 15 6.87 -5.06 -1.37
CA GLY A 15 5.44 -5.33 -1.47
C GLY A 15 4.72 -4.20 -2.23
N GLY A 16 3.78 -3.58 -1.53
CA GLY A 16 3.01 -2.50 -2.11
C GLY A 16 1.58 -2.48 -1.56
N SER A 17 0.75 -1.65 -2.18
CA SER A 17 -0.64 -1.53 -1.77
C SER A 17 -1.24 -2.91 -1.55
N ALA A 18 -0.61 -3.90 -2.18
CA ALA A 18 -1.08 -5.27 -2.06
C ALA A 18 -1.17 -5.65 -0.59
N ALA A 19 -2.34 -5.40 -0.01
CA ALA A 19 -2.57 -5.72 1.38
C ALA A 19 -1.86 -4.68 2.26
N GLU A 20 -1.80 -3.46 1.74
CA GLU A 20 -1.16 -2.38 2.46
C GLU A 20 -2.04 -1.12 2.42
N ALA A 21 -2.55 -0.83 1.24
CA ALA A 21 -3.40 0.32 1.05
C ALA A 21 -4.45 0.38 2.17
N TYR A 22 -5.34 -0.61 2.15
CA TYR A 22 -6.39 -0.69 3.15
C TYR A 22 -5.81 -0.60 4.56
N ALA A 23 -4.70 -1.30 4.76
CA ALA A 23 -4.04 -1.30 6.05
C ALA A 23 -3.83 0.14 6.52
N LYS A 24 -3.25 0.94 5.63
CA LYS A 24 -2.99 2.33 5.94
C LYS A 24 -4.27 2.97 6.50
N ARG A 25 -5.39 2.60 5.89
CA ARG A 25 -6.67 3.13 6.31
C ARG A 25 -7.08 2.54 7.66
N ILE A 26 -6.74 1.27 7.84
CA ILE A 26 -7.06 0.58 9.08
C ILE A 26 -6.52 1.39 10.26
N ALA A 27 -5.21 1.57 10.26
CA ALA A 27 -4.55 2.32 11.32
C ALA A 27 -5.33 3.61 11.59
N GLU A 28 -5.55 4.36 10.52
CA GLU A 28 -6.29 5.60 10.62
C GLU A 28 -7.59 5.40 11.38
N ALA A 29 -8.45 4.57 10.80
CA ALA A 29 -9.74 4.28 11.42
C ALA A 29 -9.53 4.04 12.92
N MET A 30 -8.74 3.03 13.22
CA MET A 30 -8.45 2.68 14.60
C MET A 30 -8.21 3.94 15.45
N ALA A 31 -7.28 4.75 14.99
CA ALA A 31 -6.95 5.98 15.69
C ALA A 31 -8.22 6.64 16.18
N LYS A 32 -8.33 6.74 17.50
CA LYS A 32 -9.49 7.35 18.13
C LYS A 32 -9.22 8.83 18.37
N GLY A 33 -8.22 9.09 19.22
CA GLY A 33 -7.84 10.46 19.53
C GLY A 33 -8.21 10.79 20.99
N ARG A 1 4.03 -4.03 -1.29
CA ARG A 1 5.45 -3.86 -1.58
C ARG A 1 5.92 -4.91 -2.59
N GLY A 2 6.42 -4.42 -3.72
CA GLY A 2 6.91 -5.30 -4.77
C GLY A 2 6.76 -4.65 -6.14
N LYS A 3 7.89 -4.24 -6.70
CA LYS A 3 7.91 -3.61 -7.99
C LYS A 3 7.32 -4.56 -9.04
N TRP A 4 6.92 -3.99 -10.16
CA TRP A 4 6.35 -4.79 -11.24
C TRP A 4 6.96 -4.30 -12.55
N THR A 5 7.05 -5.23 -13.50
CA THR A 5 7.60 -4.90 -14.80
C THR A 5 6.51 -4.97 -15.88
N TYR A 6 5.99 -3.80 -16.21
CA TYR A 6 4.94 -3.70 -17.21
C TYR A 6 5.48 -3.08 -18.50
N ASN A 7 5.82 -3.96 -19.43
CA ASN A 7 6.35 -3.52 -20.71
C ASN A 7 7.24 -2.29 -20.50
N GLY A 8 8.22 -2.46 -19.63
CA GLY A 8 9.14 -1.37 -19.33
C GLY A 8 10.24 -1.83 -18.36
N ILE A 9 10.31 -1.16 -17.22
CA ILE A 9 11.30 -1.49 -16.21
C ILE A 9 10.59 -1.70 -14.87
N THR A 10 11.41 -1.84 -13.83
CA THR A 10 10.88 -2.05 -12.49
C THR A 10 10.11 -0.83 -12.02
N TYR A 11 8.82 -1.02 -11.79
CA TYR A 11 7.97 0.07 -11.34
C TYR A 11 7.78 0.01 -9.82
N GLU A 12 7.38 1.15 -9.26
CA GLU A 12 7.15 1.24 -7.83
C GLU A 12 5.66 1.27 -7.53
N GLY A 13 5.34 0.98 -6.27
CA GLY A 13 3.95 0.96 -5.85
C GLY A 13 3.59 2.27 -5.13
N GLY A 14 4.37 2.58 -4.11
CA GLY A 14 4.14 3.80 -3.34
C GLY A 14 3.59 3.46 -1.95
N GLY A 15 4.46 2.96 -1.10
CA GLY A 15 4.08 2.60 0.25
C GLY A 15 2.89 1.63 0.25
N GLY A 16 3.14 0.45 -0.31
CA GLY A 16 2.11 -0.56 -0.39
C GLY A 16 1.03 -0.17 -1.40
N SER A 17 -0.17 0.05 -0.87
CA SER A 17 -1.29 0.44 -1.71
C SER A 17 -1.84 1.79 -1.26
N ALA A 18 -2.40 2.52 -2.22
CA ALA A 18 -2.97 3.83 -1.95
C ALA A 18 -4.06 3.70 -0.88
N ALA A 19 -4.61 2.49 -0.79
CA ALA A 19 -5.66 2.22 0.17
C ALA A 19 -5.04 1.92 1.53
N GLU A 20 -4.03 1.05 1.51
CA GLU A 20 -3.35 0.67 2.73
C GLU A 20 -3.06 1.90 3.58
N ALA A 21 -2.93 3.03 2.90
CA ALA A 21 -2.65 4.29 3.58
C ALA A 21 -3.61 4.45 4.75
N TYR A 22 -4.87 4.70 4.42
CA TYR A 22 -5.90 4.87 5.42
C TYR A 22 -6.30 3.54 6.04
N ALA A 23 -6.46 2.53 5.18
CA ALA A 23 -6.84 1.21 5.62
C ALA A 23 -6.09 0.88 6.93
N LYS A 24 -4.91 1.46 7.05
CA LYS A 24 -4.10 1.24 8.24
C LYS A 24 -4.76 1.91 9.44
N ARG A 25 -4.93 3.22 9.32
CA ARG A 25 -5.54 4.00 10.39
C ARG A 25 -6.85 3.34 10.83
N ILE A 26 -7.47 2.63 9.90
CA ILE A 26 -8.72 1.94 10.19
C ILE A 26 -8.49 0.90 11.28
N ALA A 27 -7.61 -0.04 10.96
CA ALA A 27 -7.29 -1.11 11.90
C ALA A 27 -7.08 -0.52 13.29
N GLU A 28 -6.26 0.53 13.34
CA GLU A 28 -5.98 1.20 14.59
C GLU A 28 -7.28 1.50 15.35
N ALA A 29 -8.12 2.30 14.71
CA ALA A 29 -9.39 2.67 15.30
C ALA A 29 -10.10 1.42 15.81
N MET A 30 -10.35 0.50 14.88
CA MET A 30 -11.02 -0.74 15.22
C MET A 30 -10.53 -1.28 16.56
N ALA A 31 -9.23 -1.49 16.65
CA ALA A 31 -8.63 -2.00 17.88
C ALA A 31 -9.23 -1.26 19.08
N LYS A 32 -9.04 0.06 19.07
CA LYS A 32 -9.55 0.90 20.15
C LYS A 32 -10.49 1.95 19.57
N GLY A 33 -11.78 1.76 19.82
CA GLY A 33 -12.78 2.69 19.32
C GLY A 33 -13.99 1.94 18.76
N ARG A 1 1.06 4.25 -5.32
CA ARG A 1 0.45 2.95 -5.59
C ARG A 1 0.18 2.79 -7.09
N GLY A 2 1.09 2.09 -7.74
CA GLY A 2 0.97 1.86 -9.17
C GLY A 2 2.32 1.50 -9.79
N LYS A 3 2.48 0.22 -10.09
CA LYS A 3 3.71 -0.26 -10.69
C LYS A 3 3.99 0.51 -11.98
N TRP A 4 5.25 0.47 -12.40
CA TRP A 4 5.66 1.16 -13.60
C TRP A 4 6.60 0.24 -14.38
N THR A 5 6.93 0.66 -15.60
CA THR A 5 7.82 -0.12 -16.45
C THR A 5 8.85 0.80 -17.10
N TYR A 6 10.03 0.83 -16.49
CA TYR A 6 11.11 1.65 -17.00
C TYR A 6 12.20 0.79 -17.65
N ASN A 7 12.04 0.57 -18.95
CA ASN A 7 13.00 -0.23 -19.69
C ASN A 7 13.46 -1.40 -18.82
N GLY A 8 12.49 -2.14 -18.31
CA GLY A 8 12.78 -3.28 -17.46
C GLY A 8 11.57 -4.20 -17.33
N ILE A 9 10.99 -4.21 -16.13
CA ILE A 9 9.83 -5.03 -15.87
C ILE A 9 8.93 -4.31 -14.85
N THR A 10 7.74 -4.88 -14.68
CA THR A 10 6.78 -4.31 -13.74
C THR A 10 7.45 -4.02 -12.40
N TYR A 11 7.92 -2.79 -12.26
CA TYR A 11 8.58 -2.38 -11.02
C TYR A 11 7.55 -1.97 -9.96
N GLU A 12 7.86 -2.32 -8.73
CA GLU A 12 6.98 -1.98 -7.62
C GLU A 12 7.44 -0.69 -6.95
N GLY A 13 6.46 0.05 -6.45
CA GLY A 13 6.74 1.31 -5.78
C GLY A 13 6.95 1.10 -4.28
N GLY A 14 5.86 1.24 -3.54
CA GLY A 14 5.90 1.06 -2.09
C GLY A 14 4.72 1.75 -1.42
N GLY A 15 4.62 1.54 -0.12
CA GLY A 15 3.54 2.14 0.65
C GLY A 15 2.21 2.09 -0.12
N GLY A 16 1.74 0.87 -0.31
CA GLY A 16 0.49 0.66 -1.03
C GLY A 16 0.26 -0.82 -1.33
N SER A 17 -0.28 -1.51 -0.34
CA SER A 17 -0.56 -2.93 -0.48
C SER A 17 -1.94 -3.26 0.09
N ALA A 18 -2.70 -4.01 -0.69
CA ALA A 18 -4.04 -4.40 -0.27
C ALA A 18 -4.02 -4.80 1.21
N ALA A 19 -3.12 -5.72 1.52
CA ALA A 19 -3.00 -6.21 2.89
C ALA A 19 -2.87 -5.01 3.83
N GLU A 20 -1.88 -4.17 3.56
CA GLU A 20 -1.66 -2.99 4.37
C GLU A 20 -2.58 -1.85 3.93
N ALA A 21 -3.87 -2.13 3.95
CA ALA A 21 -4.87 -1.15 3.56
C ALA A 21 -5.86 -0.94 4.70
N TYR A 22 -6.52 -2.02 5.07
CA TYR A 22 -7.49 -1.98 6.14
C TYR A 22 -6.82 -1.78 7.50
N ALA A 23 -5.72 -2.50 7.68
CA ALA A 23 -4.97 -2.41 8.92
C ALA A 23 -4.87 -0.96 9.35
N LYS A 24 -4.42 -0.13 8.43
CA LYS A 24 -4.27 1.30 8.70
C LYS A 24 -5.54 1.82 9.37
N ARG A 25 -6.66 1.60 8.70
CA ARG A 25 -7.95 2.04 9.23
C ARG A 25 -8.11 1.58 10.67
N ILE A 26 -7.72 0.33 10.91
CA ILE A 26 -7.82 -0.25 12.24
C ILE A 26 -7.10 0.66 13.24
N ALA A 27 -5.79 0.75 13.07
CA ALA A 27 -4.97 1.57 13.95
C ALA A 27 -5.67 2.91 14.17
N GLU A 28 -6.09 3.52 13.06
CA GLU A 28 -6.77 4.80 13.12
C GLU A 28 -7.92 4.75 14.13
N ALA A 29 -8.88 3.89 13.83
CA ALA A 29 -10.04 3.72 14.70
C ALA A 29 -9.57 3.59 16.15
N MET A 30 -8.78 2.56 16.39
CA MET A 30 -8.26 2.30 17.72
C MET A 30 -7.91 3.62 18.43
N ALA A 31 -7.02 4.37 17.79
CA ALA A 31 -6.59 5.64 18.35
C ALA A 31 -7.81 6.40 18.89
N LYS A 32 -8.71 6.71 17.98
CA LYS A 32 -9.93 7.43 18.34
C LYS A 32 -10.80 6.54 19.23
N GLY A 33 -11.44 7.17 20.20
CA GLY A 33 -12.30 6.44 21.11
C GLY A 33 -13.38 5.67 20.35
N ARG A 1 13.45 -4.37 -2.39
CA ARG A 1 12.32 -5.21 -2.75
C ARG A 1 12.43 -5.65 -4.22
N GLY A 2 12.06 -6.90 -4.46
CA GLY A 2 12.12 -7.45 -5.80
C GLY A 2 11.17 -6.70 -6.74
N LYS A 3 11.74 -5.74 -7.46
CA LYS A 3 10.95 -4.95 -8.40
C LYS A 3 10.23 -5.88 -9.37
N TRP A 4 9.01 -5.49 -9.72
CA TRP A 4 8.21 -6.28 -10.64
C TRP A 4 7.91 -5.41 -11.87
N THR A 5 7.09 -5.95 -12.75
CA THR A 5 6.71 -5.25 -13.96
C THR A 5 5.22 -5.45 -14.26
N TYR A 6 4.46 -4.40 -14.03
CA TYR A 6 3.02 -4.45 -14.28
C TYR A 6 2.68 -3.94 -15.68
N ASN A 7 3.29 -2.81 -16.04
CA ASN A 7 3.05 -2.22 -17.33
C ASN A 7 4.40 -1.93 -18.00
N GLY A 8 5.10 -3.00 -18.34
CA GLY A 8 6.41 -2.87 -18.97
C GLY A 8 7.27 -1.84 -18.26
N ILE A 9 7.28 -1.93 -16.94
CA ILE A 9 8.06 -1.02 -16.12
C ILE A 9 8.72 -1.78 -14.98
N THR A 10 9.67 -1.12 -14.33
CA THR A 10 10.39 -1.74 -13.23
C THR A 10 9.84 -1.22 -11.90
N TYR A 11 8.62 -1.66 -11.58
CA TYR A 11 7.98 -1.25 -10.35
C TYR A 11 8.74 -1.76 -9.13
N GLU A 12 8.97 -0.86 -8.18
CA GLU A 12 9.70 -1.20 -6.97
C GLU A 12 8.75 -1.18 -5.77
N GLY A 13 7.74 -0.34 -5.86
CA GLY A 13 6.76 -0.21 -4.80
C GLY A 13 6.14 -1.57 -4.45
N GLY A 14 5.12 -1.52 -3.61
CA GLY A 14 4.43 -2.73 -3.20
C GLY A 14 2.97 -2.72 -3.67
N GLY A 15 2.16 -3.51 -2.98
CA GLY A 15 0.74 -3.60 -3.32
C GLY A 15 -0.12 -2.96 -2.23
N GLY A 16 -0.72 -1.83 -2.58
CA GLY A 16 -1.58 -1.12 -1.65
C GLY A 16 -2.96 -0.89 -2.24
N SER A 17 -3.87 -0.46 -1.38
CA SER A 17 -5.24 -0.20 -1.80
C SER A 17 -5.58 1.27 -1.58
N ALA A 18 -6.23 1.85 -2.58
CA ALA A 18 -6.62 3.26 -2.51
C ALA A 18 -5.43 4.09 -2.04
N ALA A 19 -4.32 3.95 -2.75
CA ALA A 19 -3.12 4.68 -2.41
C ALA A 19 -2.77 4.44 -0.93
N GLU A 20 -3.20 3.28 -0.45
CA GLU A 20 -2.95 2.92 0.94
C GLU A 20 -2.97 4.17 1.83
N ALA A 21 -3.87 5.09 1.49
CA ALA A 21 -4.00 6.32 2.24
C ALA A 21 -4.94 6.10 3.41
N TYR A 22 -6.23 6.05 3.09
CA TYR A 22 -7.25 5.84 4.12
C TYR A 22 -6.84 4.72 5.07
N ALA A 23 -6.29 3.67 4.49
CA ALA A 23 -5.85 2.52 5.28
C ALA A 23 -5.19 3.02 6.57
N LYS A 24 -4.23 3.91 6.40
CA LYS A 24 -3.51 4.47 7.54
C LYS A 24 -4.52 4.86 8.62
N ARG A 25 -5.60 5.49 8.19
CA ARG A 25 -6.63 5.92 9.11
C ARG A 25 -7.43 4.70 9.62
N ILE A 26 -7.66 3.77 8.72
CA ILE A 26 -8.39 2.56 9.07
C ILE A 26 -7.79 1.95 10.33
N ALA A 27 -6.47 1.76 10.29
CA ALA A 27 -5.78 1.19 11.43
C ALA A 27 -6.18 1.93 12.71
N GLU A 28 -6.06 3.24 12.65
CA GLU A 28 -6.40 4.08 13.78
C GLU A 28 -7.81 3.75 14.27
N ALA A 29 -8.78 3.95 13.40
CA ALA A 29 -10.16 3.67 13.73
C ALA A 29 -10.26 2.33 14.46
N MET A 30 -9.81 1.28 13.76
CA MET A 30 -9.84 -0.05 14.33
C MET A 30 -9.44 -0.02 15.81
N ALA A 31 -8.27 0.54 16.06
CA ALA A 31 -7.76 0.62 17.41
C ALA A 31 -8.90 1.00 18.36
N LYS A 32 -8.87 0.40 19.55
CA LYS A 32 -9.90 0.65 20.54
C LYS A 32 -9.69 2.06 21.13
N GLY A 33 -10.50 2.98 20.66
CA GLY A 33 -10.41 4.35 21.14
C GLY A 33 -10.94 5.34 20.08
N ARG A 1 6.81 7.59 -3.05
CA ARG A 1 7.70 8.30 -3.95
C ARG A 1 7.70 7.65 -5.33
N GLY A 2 6.51 7.22 -5.74
CA GLY A 2 6.36 6.58 -7.04
C GLY A 2 6.57 5.06 -6.93
N LYS A 3 7.42 4.55 -7.80
CA LYS A 3 7.71 3.13 -7.82
C LYS A 3 8.55 2.77 -6.59
N TRP A 4 8.45 1.52 -6.19
CA TRP A 4 9.19 1.05 -5.03
C TRP A 4 9.90 -0.26 -5.42
N THR A 5 10.51 -0.88 -4.43
CA THR A 5 11.22 -2.13 -4.65
C THR A 5 10.94 -3.12 -3.52
N TYR A 6 10.12 -4.11 -3.83
CA TYR A 6 9.77 -5.12 -2.85
C TYR A 6 10.82 -6.23 -2.80
N ASN A 7 10.98 -6.90 -3.93
CA ASN A 7 11.96 -7.98 -4.02
C ASN A 7 13.19 -7.48 -4.76
N GLY A 8 13.02 -7.28 -6.06
CA GLY A 8 14.11 -6.80 -6.90
C GLY A 8 13.60 -6.36 -8.27
N ILE A 9 12.36 -5.88 -8.28
CA ILE A 9 11.75 -5.42 -9.51
C ILE A 9 11.03 -4.09 -9.26
N THR A 10 11.17 -3.19 -10.22
CA THR A 10 10.56 -1.88 -10.10
C THR A 10 9.04 -1.99 -10.27
N TYR A 11 8.34 -1.81 -9.16
CA TYR A 11 6.89 -1.90 -9.16
C TYR A 11 6.26 -0.59 -9.66
N GLU A 12 5.12 -0.73 -10.29
CA GLU A 12 4.41 0.43 -10.83
C GLU A 12 3.36 0.90 -9.83
N GLY A 13 2.42 0.02 -9.53
CA GLY A 13 1.35 0.33 -8.59
C GLY A 13 0.15 -0.59 -8.80
N GLY A 14 -1.02 0.03 -8.81
CA GLY A 14 -2.26 -0.72 -9.01
C GLY A 14 -2.50 -1.68 -7.85
N GLY A 15 -3.76 -2.01 -7.64
CA GLY A 15 -4.14 -2.92 -6.58
C GLY A 15 -5.58 -3.41 -6.75
N GLY A 16 -6.50 -2.47 -6.78
CA GLY A 16 -7.91 -2.79 -6.93
C GLY A 16 -8.73 -2.29 -5.75
N SER A 17 -8.06 -2.20 -4.61
CA SER A 17 -8.72 -1.74 -3.40
C SER A 17 -9.89 -2.66 -3.05
N ALA A 18 -9.72 -3.92 -3.39
CA ALA A 18 -10.75 -4.92 -3.12
C ALA A 18 -11.04 -4.95 -1.62
N ALA A 19 -11.93 -4.06 -1.19
CA ALA A 19 -12.29 -3.98 0.21
C ALA A 19 -11.15 -3.34 1.00
N GLU A 20 -10.34 -2.57 0.29
CA GLU A 20 -9.21 -1.90 0.91
C GLU A 20 -9.34 -0.38 0.78
N ALA A 21 -10.21 0.02 -0.14
CA ALA A 21 -10.44 1.43 -0.39
C ALA A 21 -10.51 2.17 0.95
N TYR A 22 -11.01 1.46 1.96
CA TYR A 22 -11.14 2.03 3.29
C TYR A 22 -9.96 1.64 4.17
N ALA A 23 -9.53 0.39 4.01
CA ALA A 23 -8.42 -0.12 4.78
C ALA A 23 -7.24 0.85 4.68
N LYS A 24 -6.94 1.23 3.46
CA LYS A 24 -5.84 2.16 3.22
C LYS A 24 -5.87 3.27 4.27
N ARG A 25 -7.05 3.83 4.46
CA ARG A 25 -7.22 4.90 5.44
C ARG A 25 -7.01 4.36 6.85
N ILE A 26 -7.54 3.16 7.07
CA ILE A 26 -7.42 2.52 8.37
C ILE A 26 -5.96 2.53 8.81
N ALA A 27 -5.11 2.04 7.91
CA ALA A 27 -3.68 1.97 8.19
C ALA A 27 -3.21 3.31 8.77
N GLU A 28 -3.54 4.38 8.06
CA GLU A 28 -3.16 5.71 8.50
C GLU A 28 -3.54 5.90 9.97
N ALA A 29 -4.83 5.77 10.24
CA ALA A 29 -5.33 5.93 11.60
C ALA A 29 -4.41 5.19 12.57
N MET A 30 -4.23 3.91 12.29
CA MET A 30 -3.37 3.08 13.13
C MET A 30 -2.03 3.77 13.40
N ALA A 31 -1.34 4.08 12.31
CA ALA A 31 -0.05 4.74 12.42
C ALA A 31 0.91 3.86 13.23
N LYS A 32 1.01 2.60 12.81
CA LYS A 32 1.88 1.66 13.48
C LYS A 32 3.02 1.25 12.54
N GLY A 33 4.21 1.17 13.10
CA GLY A 33 5.38 0.79 12.32
C GLY A 33 5.17 -0.56 11.64
N ARG A 1 11.44 -10.77 -11.85
CA ARG A 1 10.00 -11.00 -11.90
C ARG A 1 9.36 -10.54 -10.59
N GLY A 2 8.86 -9.31 -10.62
CA GLY A 2 8.22 -8.73 -9.44
C GLY A 2 7.74 -7.31 -9.73
N LYS A 3 8.61 -6.35 -9.45
CA LYS A 3 8.28 -4.95 -9.67
C LYS A 3 7.84 -4.75 -11.12
N TRP A 4 7.50 -3.52 -11.44
CA TRP A 4 7.06 -3.19 -12.78
C TRP A 4 7.46 -1.74 -13.07
N THR A 5 7.03 -1.26 -14.23
CA THR A 5 7.34 0.10 -14.63
C THR A 5 6.10 0.78 -15.19
N TYR A 6 5.49 1.61 -14.36
CA TYR A 6 4.30 2.34 -14.75
C TYR A 6 4.55 3.85 -14.79
N ASN A 7 4.81 4.35 -15.98
CA ASN A 7 5.07 5.77 -16.17
C ASN A 7 6.38 6.13 -15.47
N GLY A 8 7.43 5.41 -15.83
CA GLY A 8 8.74 5.64 -15.24
C GLY A 8 8.67 5.58 -13.71
N ILE A 9 8.21 4.45 -13.22
CA ILE A 9 8.09 4.24 -11.77
C ILE A 9 8.56 2.83 -11.43
N THR A 10 9.11 2.71 -10.23
CA THR A 10 9.60 1.42 -9.76
C THR A 10 8.89 1.02 -8.47
N TYR A 11 8.06 0.00 -8.57
CA TYR A 11 7.31 -0.49 -7.42
C TYR A 11 8.12 -1.54 -6.65
N GLU A 12 7.85 -1.62 -5.36
CA GLU A 12 8.54 -2.57 -4.52
C GLU A 12 7.58 -3.69 -4.09
N GLY A 13 8.11 -4.61 -3.30
CA GLY A 13 7.33 -5.74 -2.83
C GLY A 13 7.77 -6.16 -1.43
N GLY A 14 7.40 -5.34 -0.45
CA GLY A 14 7.76 -5.62 0.93
C GLY A 14 6.72 -5.02 1.89
N GLY A 15 5.70 -5.81 2.18
CA GLY A 15 4.64 -5.36 3.07
C GLY A 15 3.51 -6.38 3.12
N GLY A 16 2.88 -6.58 1.97
CA GLY A 16 1.78 -7.53 1.88
C GLY A 16 0.81 -7.13 0.77
N SER A 17 -0.47 -7.34 1.04
CA SER A 17 -1.51 -7.01 0.09
C SER A 17 -1.78 -5.51 0.13
N ALA A 18 -2.23 -4.99 -1.01
CA ALA A 18 -2.54 -3.57 -1.11
C ALA A 18 -3.80 -3.26 -0.31
N ALA A 19 -4.80 -4.11 -0.49
CA ALA A 19 -6.05 -3.94 0.21
C ALA A 19 -5.80 -3.90 1.72
N GLU A 20 -4.88 -4.76 2.15
CA GLU A 20 -4.53 -4.83 3.56
C GLU A 20 -3.30 -3.98 3.85
N ALA A 21 -3.40 -2.70 3.52
CA ALA A 21 -2.31 -1.77 3.73
C ALA A 21 -2.85 -0.49 4.37
N TYR A 22 -3.88 0.05 3.75
CA TYR A 22 -4.50 1.27 4.25
C TYR A 22 -5.58 0.95 5.28
N ALA A 23 -6.36 -0.07 4.98
CA ALA A 23 -7.43 -0.48 5.88
C ALA A 23 -6.91 -0.49 7.31
N LYS A 24 -5.61 -0.68 7.45
CA LYS A 24 -4.98 -0.71 8.76
C LYS A 24 -4.89 0.72 9.30
N ARG A 25 -4.14 1.54 8.60
CA ARG A 25 -3.96 2.93 9.01
C ARG A 25 -5.32 3.56 9.34
N ILE A 26 -6.36 3.03 8.71
CA ILE A 26 -7.70 3.52 8.93
C ILE A 26 -8.04 3.43 10.42
N ALA A 27 -7.94 2.21 10.93
CA ALA A 27 -8.25 1.97 12.34
C ALA A 27 -7.47 2.98 13.19
N GLU A 28 -6.18 3.07 12.93
CA GLU A 28 -5.33 4.00 13.66
C GLU A 28 -5.95 5.39 13.68
N ALA A 29 -6.14 5.94 12.49
CA ALA A 29 -6.74 7.26 12.36
C ALA A 29 -8.00 7.33 13.22
N MET A 30 -8.94 6.47 12.91
CA MET A 30 -10.20 6.43 13.64
C MET A 30 -9.96 6.64 15.13
N ALA A 31 -9.07 5.83 15.68
CA ALA A 31 -8.75 5.93 17.09
C ALA A 31 -7.84 7.14 17.34
N LYS A 32 -8.45 8.31 17.28
CA LYS A 32 -7.73 9.55 17.48
C LYS A 32 -7.53 9.78 18.99
N GLY A 33 -6.39 9.32 19.48
CA GLY A 33 -6.07 9.46 20.89
C GLY A 33 -4.60 9.14 21.15
N ARG A 1 9.52 -5.87 -4.39
CA ARG A 1 9.46 -4.64 -5.16
C ARG A 1 9.84 -4.91 -6.61
N GLY A 2 9.00 -4.44 -7.52
CA GLY A 2 9.24 -4.63 -8.95
C GLY A 2 10.21 -3.56 -9.48
N LYS A 3 9.65 -2.65 -10.27
CA LYS A 3 10.45 -1.58 -10.84
C LYS A 3 11.33 -2.15 -11.95
N TRP A 4 10.88 -3.26 -12.51
CA TRP A 4 11.61 -3.92 -13.58
C TRP A 4 11.13 -3.35 -14.91
N THR A 5 11.78 -3.78 -15.98
CA THR A 5 11.42 -3.31 -17.31
C THR A 5 11.14 -4.50 -18.23
N TYR A 6 9.86 -4.62 -18.61
CA TYR A 6 9.45 -5.71 -19.48
C TYR A 6 9.23 -5.21 -20.91
N ASN A 7 8.40 -4.19 -21.03
CA ASN A 7 8.10 -3.61 -22.34
C ASN A 7 8.60 -2.18 -22.38
N GLY A 8 9.79 -1.98 -21.85
CA GLY A 8 10.39 -0.65 -21.82
C GLY A 8 9.61 0.27 -20.88
N ILE A 9 9.04 -0.32 -19.84
CA ILE A 9 8.27 0.43 -18.88
C ILE A 9 8.50 -0.15 -17.48
N THR A 10 8.61 0.74 -16.50
CA THR A 10 8.83 0.33 -15.13
C THR A 10 7.55 -0.27 -14.55
N TYR A 11 7.59 -1.58 -14.35
CA TYR A 11 6.44 -2.27 -13.79
C TYR A 11 6.40 -2.15 -12.27
N GLU A 12 5.19 -2.21 -11.73
CA GLU A 12 5.00 -2.10 -10.30
C GLU A 12 4.53 -3.44 -9.72
N GLY A 13 4.73 -3.57 -8.41
CA GLY A 13 4.34 -4.79 -7.72
C GLY A 13 3.64 -4.47 -6.40
N GLY A 14 2.64 -5.29 -6.09
CA GLY A 14 1.89 -5.10 -4.86
C GLY A 14 0.49 -4.56 -5.14
N GLY A 15 -0.40 -4.75 -4.18
CA GLY A 15 -1.77 -4.30 -4.31
C GLY A 15 -2.48 -4.30 -2.95
N GLY A 16 -2.50 -3.13 -2.34
CA GLY A 16 -3.15 -2.96 -1.04
C GLY A 16 -3.70 -1.55 -0.87
N SER A 17 -3.77 -1.13 0.39
CA SER A 17 -4.27 0.20 0.70
C SER A 17 -3.10 1.15 0.97
N ALA A 18 -3.03 2.18 0.14
CA ALA A 18 -1.97 3.17 0.26
C ALA A 18 -2.38 4.21 1.32
N ALA A 19 -3.69 4.40 1.44
CA ALA A 19 -4.21 5.36 2.40
C ALA A 19 -4.56 4.63 3.70
N GLU A 20 -3.91 3.49 3.89
CA GLU A 20 -4.14 2.70 5.08
C GLU A 20 -3.45 3.33 6.29
N ALA A 21 -2.45 4.14 6.00
CA ALA A 21 -1.69 4.81 7.04
C ALA A 21 -2.66 5.32 8.11
N TYR A 22 -3.57 6.20 7.68
CA TYR A 22 -4.54 6.77 8.59
C TYR A 22 -5.54 5.71 9.05
N ALA A 23 -5.98 4.90 8.09
CA ALA A 23 -6.94 3.85 8.39
C ALA A 23 -6.56 3.17 9.72
N LYS A 24 -5.31 2.74 9.78
CA LYS A 24 -4.81 2.08 10.97
C LYS A 24 -5.16 2.93 12.20
N ARG A 25 -4.78 4.19 12.14
CA ARG A 25 -5.05 5.11 13.23
C ARG A 25 -6.53 5.07 13.61
N ILE A 26 -7.37 5.05 12.59
CA ILE A 26 -8.80 5.02 12.80
C ILE A 26 -9.14 3.87 13.75
N ALA A 27 -8.85 2.66 13.30
CA ALA A 27 -9.12 1.47 14.09
C ALA A 27 -8.65 1.71 15.53
N GLU A 28 -7.40 2.17 15.64
CA GLU A 28 -6.82 2.43 16.95
C GLU A 28 -7.77 3.31 17.78
N ALA A 29 -8.00 4.51 17.27
CA ALA A 29 -8.88 5.45 17.95
C ALA A 29 -10.11 4.70 18.49
N MET A 30 -10.85 4.13 17.56
CA MET A 30 -12.05 3.38 17.92
C MET A 30 -11.83 2.59 19.20
N ALA A 31 -10.80 1.75 19.18
CA ALA A 31 -10.48 0.94 20.34
C ALA A 31 -11.76 0.32 20.90
N LYS A 32 -12.52 -0.32 20.01
CA LYS A 32 -13.76 -0.95 20.39
C LYS A 32 -13.79 -2.38 19.84
N GLY A 33 -14.61 -3.21 20.47
CA GLY A 33 -14.74 -4.59 20.06
C GLY A 33 -14.71 -5.53 21.27
N ARG A 1 -4.25 -4.86 -14.54
CA ARG A 1 -3.07 -4.03 -14.35
C ARG A 1 -2.32 -4.46 -13.08
N GLY A 2 -1.10 -3.96 -12.95
CA GLY A 2 -0.28 -4.28 -11.80
C GLY A 2 0.90 -3.32 -11.68
N LYS A 3 2.10 -3.90 -11.67
CA LYS A 3 3.31 -3.11 -11.57
C LYS A 3 3.46 -2.23 -12.81
N TRP A 4 4.36 -1.27 -12.73
CA TRP A 4 4.60 -0.37 -13.83
C TRP A 4 6.10 -0.37 -14.14
N THR A 5 6.45 -1.03 -15.23
CA THR A 5 7.84 -1.13 -15.65
C THR A 5 8.29 0.18 -16.31
N TYR A 6 8.97 1.01 -15.52
CA TYR A 6 9.46 2.28 -16.03
C TYR A 6 10.91 2.16 -16.48
N ASN A 7 11.78 1.84 -15.52
CA ASN A 7 13.19 1.70 -15.80
C ASN A 7 13.61 0.24 -15.60
N GLY A 8 12.80 -0.65 -16.15
CA GLY A 8 13.07 -2.08 -16.02
C GLY A 8 13.03 -2.52 -14.56
N ILE A 9 12.17 -1.87 -13.80
CA ILE A 9 12.04 -2.18 -12.39
C ILE A 9 10.56 -2.23 -12.02
N THR A 10 10.18 -3.29 -11.32
CA THR A 10 8.80 -3.46 -10.89
C THR A 10 8.57 -2.79 -9.53
N TYR A 11 7.86 -1.68 -9.58
CA TYR A 11 7.56 -0.95 -8.36
C TYR A 11 6.36 -1.55 -7.62
N GLU A 12 5.18 -1.19 -8.10
CA GLU A 12 3.95 -1.69 -7.51
C GLU A 12 4.12 -1.87 -5.99
N GLY A 13 4.84 -0.93 -5.41
CA GLY A 13 5.08 -0.97 -3.97
C GLY A 13 6.20 -1.96 -3.64
N GLY A 14 7.30 -1.42 -3.13
CA GLY A 14 8.45 -2.24 -2.76
C GLY A 14 8.90 -1.94 -1.34
N GLY A 15 8.41 -2.74 -0.41
CA GLY A 15 8.75 -2.57 0.99
C GLY A 15 7.53 -2.77 1.89
N GLY A 16 6.52 -1.94 1.66
CA GLY A 16 5.29 -2.01 2.43
C GLY A 16 4.92 -3.46 2.73
N SER A 17 4.15 -3.64 3.79
CA SER A 17 3.72 -4.96 4.20
C SER A 17 2.19 -5.05 4.17
N ALA A 18 1.68 -5.90 3.30
CA ALA A 18 0.25 -6.08 3.16
C ALA A 18 -0.38 -6.17 4.56
N ALA A 19 0.12 -7.12 5.34
CA ALA A 19 -0.38 -7.33 6.68
C ALA A 19 -0.61 -5.96 7.35
N GLU A 20 0.43 -5.14 7.32
CA GLU A 20 0.35 -3.82 7.91
C GLU A 20 -0.17 -2.81 6.89
N ALA A 21 -1.37 -3.09 6.39
CA ALA A 21 -2.00 -2.22 5.41
C ALA A 21 -3.37 -1.78 5.93
N TYR A 22 -4.21 -2.77 6.20
CA TYR A 22 -5.55 -2.49 6.70
C TYR A 22 -5.49 -1.69 8.01
N ALA A 23 -4.53 -2.07 8.84
CA ALA A 23 -4.37 -1.41 10.12
C ALA A 23 -4.58 0.10 9.95
N LYS A 24 -3.87 0.65 8.98
CA LYS A 24 -3.97 2.08 8.70
C LYS A 24 -5.45 2.46 8.56
N ARG A 25 -6.10 1.82 7.60
CA ARG A 25 -7.52 2.09 7.35
C ARG A 25 -8.28 2.16 8.68
N ILE A 26 -7.94 1.25 9.57
CA ILE A 26 -8.59 1.21 10.88
C ILE A 26 -8.43 2.56 11.56
N ALA A 27 -7.19 2.94 11.79
CA ALA A 27 -6.90 4.22 12.43
C ALA A 27 -7.77 5.30 11.81
N GLU A 28 -7.80 5.32 10.49
CA GLU A 28 -8.59 6.29 9.76
C GLU A 28 -10.05 6.24 10.21
N ALA A 29 -10.67 5.10 9.96
CA ALA A 29 -12.06 4.91 10.34
C ALA A 29 -12.29 5.45 11.74
N MET A 30 -11.51 4.92 12.68
CA MET A 30 -11.62 5.34 14.07
C MET A 30 -11.79 6.86 14.17
N ALA A 31 -10.82 7.57 13.60
CA ALA A 31 -10.85 9.02 13.62
C ALA A 31 -11.12 9.50 15.04
N LYS A 32 -10.49 8.82 15.99
CA LYS A 32 -10.65 9.17 17.39
C LYS A 32 -9.31 9.01 18.11
N GLY A 33 -9.06 9.92 19.04
CA GLY A 33 -7.82 9.88 19.80
C GLY A 33 -6.78 10.82 19.18
N ARG A 1 9.54 -6.69 -16.98
CA ARG A 1 8.48 -5.69 -17.00
C ARG A 1 7.31 -6.13 -16.13
N GLY A 2 7.62 -6.34 -14.86
CA GLY A 2 6.61 -6.77 -13.90
C GLY A 2 6.40 -5.71 -12.82
N LYS A 3 7.33 -5.67 -11.88
CA LYS A 3 7.26 -4.72 -10.78
C LYS A 3 7.47 -3.30 -11.33
N TRP A 4 6.94 -2.33 -10.61
CA TRP A 4 7.06 -0.94 -11.01
C TRP A 4 7.78 -0.19 -9.89
N THR A 5 7.84 1.12 -10.05
CA THR A 5 8.49 1.97 -9.05
C THR A 5 7.82 3.35 -9.00
N TYR A 6 7.17 3.60 -7.87
CA TYR A 6 6.48 4.87 -7.68
C TYR A 6 7.45 5.94 -7.18
N ASN A 7 8.09 5.64 -6.06
CA ASN A 7 9.04 6.57 -5.47
C ASN A 7 10.31 5.82 -5.08
N GLY A 8 10.42 4.61 -5.60
CA GLY A 8 11.58 3.77 -5.32
C GLY A 8 11.27 2.75 -4.24
N ILE A 9 10.13 2.10 -4.39
CA ILE A 9 9.70 1.09 -3.44
C ILE A 9 9.71 -0.29 -4.11
N THR A 10 9.70 -0.26 -5.43
CA THR A 10 9.70 -1.49 -6.20
C THR A 10 8.42 -2.29 -5.96
N TYR A 11 7.30 -1.63 -6.18
CA TYR A 11 6.00 -2.25 -5.98
C TYR A 11 5.87 -3.51 -6.85
N GLU A 12 5.34 -4.56 -6.23
CA GLU A 12 5.16 -5.81 -6.93
C GLU A 12 3.66 -6.10 -7.13
N GLY A 13 2.99 -5.15 -7.76
CA GLY A 13 1.57 -5.28 -8.02
C GLY A 13 0.76 -5.13 -6.72
N GLY A 14 -0.17 -6.06 -6.53
CA GLY A 14 -1.00 -6.06 -5.35
C GLY A 14 -2.43 -5.62 -5.70
N GLY A 15 -3.38 -6.48 -5.36
CA GLY A 15 -4.78 -6.20 -5.63
C GLY A 15 -5.68 -6.85 -4.57
N GLY A 16 -5.57 -6.37 -3.35
CA GLY A 16 -6.36 -6.90 -2.26
C GLY A 16 -5.78 -8.21 -1.74
N SER A 17 -5.43 -8.21 -0.46
CA SER A 17 -4.86 -9.39 0.16
C SER A 17 -4.68 -9.15 1.66
N ALA A 18 -4.76 -10.25 2.41
CA ALA A 18 -4.61 -10.17 3.86
C ALA A 18 -3.49 -9.18 4.20
N ALA A 19 -2.30 -9.49 3.69
CA ALA A 19 -1.14 -8.64 3.93
C ALA A 19 -1.56 -7.17 3.84
N GLU A 20 -2.21 -6.85 2.73
CA GLU A 20 -2.67 -5.49 2.49
C GLU A 20 -3.93 -5.21 3.32
N ALA A 21 -3.79 -5.40 4.62
CA ALA A 21 -4.91 -5.17 5.52
C ALA A 21 -4.76 -3.80 6.18
N TYR A 22 -3.62 -3.61 6.85
CA TYR A 22 -3.34 -2.35 7.51
C TYR A 22 -3.88 -1.17 6.70
N ALA A 23 -3.87 -1.34 5.39
CA ALA A 23 -4.34 -0.30 4.49
C ALA A 23 -5.62 0.32 5.08
N LYS A 24 -6.56 -0.54 5.42
CA LYS A 24 -7.81 -0.10 5.99
C LYS A 24 -7.54 0.92 7.10
N ARG A 25 -6.56 0.58 7.93
CA ARG A 25 -6.19 1.45 9.04
C ARG A 25 -5.56 2.74 8.51
N ILE A 26 -4.75 2.59 7.47
CA ILE A 26 -4.09 3.73 6.86
C ILE A 26 -5.13 4.82 6.55
N ALA A 27 -6.08 4.46 5.70
CA ALA A 27 -7.13 5.38 5.32
C ALA A 27 -7.71 6.04 6.59
N GLU A 28 -8.12 5.20 7.51
CA GLU A 28 -8.69 5.67 8.76
C GLU A 28 -7.84 6.81 9.33
N ALA A 29 -6.59 6.47 9.63
CA ALA A 29 -5.66 7.44 10.18
C ALA A 29 -5.68 8.71 9.32
N MET A 30 -5.31 8.53 8.07
CA MET A 30 -5.27 9.64 7.13
C MET A 30 -6.45 10.59 7.37
N ALA A 31 -7.65 10.02 7.33
CA ALA A 31 -8.86 10.80 7.54
C ALA A 31 -8.98 11.15 9.03
N LYS A 32 -8.18 12.11 9.44
CA LYS A 32 -8.19 12.55 10.83
C LYS A 32 -8.92 13.89 10.93
N GLY A 33 -8.33 14.89 10.29
CA GLY A 33 -8.90 16.23 10.29
C GLY A 33 -7.83 17.29 10.51
N ARG A 1 1.18 -3.84 -2.48
CA ARG A 1 1.85 -3.44 -1.26
C ARG A 1 3.06 -2.56 -1.58
N GLY A 2 3.83 -3.02 -2.56
CA GLY A 2 5.02 -2.29 -2.98
C GLY A 2 5.05 -2.09 -4.49
N LYS A 3 6.16 -2.49 -5.09
CA LYS A 3 6.31 -2.35 -6.53
C LYS A 3 5.21 -3.16 -7.23
N TRP A 4 5.33 -3.23 -8.56
CA TRP A 4 4.36 -3.95 -9.36
C TRP A 4 5.05 -4.41 -10.65
N THR A 5 4.27 -5.00 -11.53
CA THR A 5 4.78 -5.47 -12.80
C THR A 5 3.69 -5.44 -13.87
N TYR A 6 3.79 -4.46 -14.75
CA TYR A 6 2.83 -4.31 -15.82
C TYR A 6 3.36 -4.91 -17.13
N ASN A 7 4.44 -4.33 -17.61
CA ASN A 7 5.06 -4.79 -18.85
C ASN A 7 6.41 -5.41 -18.53
N GLY A 8 6.41 -6.28 -17.53
CA GLY A 8 7.64 -6.96 -17.11
C GLY A 8 8.68 -5.94 -16.65
N ILE A 9 8.20 -4.86 -16.05
CA ILE A 9 9.07 -3.82 -15.55
C ILE A 9 8.71 -3.50 -14.10
N THR A 10 9.72 -3.57 -13.24
CA THR A 10 9.51 -3.30 -11.83
C THR A 10 9.57 -1.79 -11.57
N TYR A 11 8.45 -1.27 -11.09
CA TYR A 11 8.35 0.15 -10.80
C TYR A 11 8.59 0.42 -9.31
N GLU A 12 9.01 1.65 -9.03
CA GLU A 12 9.28 2.04 -7.66
C GLU A 12 7.97 2.35 -6.92
N GLY A 13 7.24 3.32 -7.46
CA GLY A 13 5.97 3.71 -6.87
C GLY A 13 5.74 5.22 -7.06
N GLY A 14 4.47 5.57 -7.20
CA GLY A 14 4.09 6.96 -7.38
C GLY A 14 3.95 7.67 -6.03
N GLY A 15 5.10 8.01 -5.45
CA GLY A 15 5.13 8.68 -4.17
C GLY A 15 5.54 7.72 -3.05
N GLY A 16 4.71 7.68 -2.02
CA GLY A 16 4.97 6.82 -0.88
C GLY A 16 3.80 5.86 -0.64
N SER A 17 3.33 5.86 0.60
CA SER A 17 2.22 4.99 0.97
C SER A 17 0.96 5.41 0.21
N ALA A 18 0.94 5.07 -1.07
CA ALA A 18 -0.20 5.39 -1.92
C ALA A 18 -1.47 4.83 -1.28
N ALA A 19 -1.39 3.57 -0.88
CA ALA A 19 -2.52 2.91 -0.26
C ALA A 19 -2.15 2.47 1.15
N GLU A 20 -0.89 2.70 1.49
CA GLU A 20 -0.39 2.33 2.80
C GLU A 20 -0.94 3.28 3.87
N ALA A 21 -1.28 4.48 3.42
CA ALA A 21 -1.82 5.49 4.32
C ALA A 21 -2.96 4.89 5.13
N TYR A 22 -4.08 4.69 4.46
CA TYR A 22 -5.25 4.12 5.11
C TYR A 22 -4.93 2.76 5.74
N ALA A 23 -4.19 1.96 4.98
CA ALA A 23 -3.81 0.64 5.46
C ALA A 23 -3.45 0.72 6.95
N LYS A 24 -2.97 1.88 7.35
CA LYS A 24 -2.59 2.11 8.73
C LYS A 24 -3.84 2.28 9.58
N ARG A 25 -4.69 3.21 9.16
CA ARG A 25 -5.93 3.47 9.87
C ARG A 25 -6.78 2.21 9.95
N ILE A 26 -6.53 1.30 9.01
CA ILE A 26 -7.27 0.05 8.97
C ILE A 26 -7.08 -0.69 10.29
N ALA A 27 -5.82 -0.95 10.61
CA ALA A 27 -5.49 -1.65 11.84
C ALA A 27 -6.11 -0.92 13.02
N GLU A 28 -5.82 0.37 13.11
CA GLU A 28 -6.35 1.19 14.18
C GLU A 28 -7.84 0.93 14.37
N ALA A 29 -8.59 1.19 13.31
CA ALA A 29 -10.03 0.98 13.35
C ALA A 29 -10.33 -0.32 14.08
N MET A 30 -9.87 -1.42 13.51
CA MET A 30 -10.09 -2.73 14.09
C MET A 30 -9.83 -2.70 15.60
N ALA A 31 -8.68 -2.12 15.96
CA ALA A 31 -8.30 -2.03 17.36
C ALA A 31 -8.58 -0.61 17.87
N LYS A 32 -9.83 -0.38 18.23
CA LYS A 32 -10.24 0.92 18.72
C LYS A 32 -10.85 0.77 20.10
N GLY A 33 -11.00 1.89 20.79
CA GLY A 33 -11.56 1.89 22.13
C GLY A 33 -10.99 3.04 22.97
N ARG A 1 9.49 -10.70 -7.72
CA ARG A 1 10.37 -11.49 -8.57
C ARG A 1 11.20 -10.57 -9.47
N GLY A 2 10.50 -9.72 -10.21
CA GLY A 2 11.16 -8.79 -11.11
C GLY A 2 10.26 -7.58 -11.39
N LYS A 3 10.90 -6.49 -11.79
CA LYS A 3 10.18 -5.27 -12.10
C LYS A 3 9.08 -5.57 -13.11
N TRP A 4 8.03 -4.75 -13.07
CA TRP A 4 6.92 -4.91 -13.98
C TRP A 4 6.92 -3.73 -14.95
N THR A 5 7.73 -2.74 -14.62
CA THR A 5 7.83 -1.55 -15.45
C THR A 5 6.48 -0.84 -15.52
N TYR A 6 5.94 -0.53 -14.35
CA TYR A 6 4.66 0.14 -14.27
C TYR A 6 4.83 1.66 -14.44
N ASN A 7 3.77 2.28 -14.96
CA ASN A 7 3.79 3.71 -15.17
C ASN A 7 5.07 4.10 -15.91
N GLY A 8 5.61 3.14 -16.65
CA GLY A 8 6.83 3.36 -17.40
C GLY A 8 8.03 3.54 -16.47
N ILE A 9 8.01 2.78 -15.39
CA ILE A 9 9.09 2.84 -14.41
C ILE A 9 9.28 1.46 -13.78
N THR A 10 10.54 1.12 -13.55
CA THR A 10 10.88 -0.16 -12.96
C THR A 10 10.70 -0.10 -11.43
N TYR A 11 9.82 -0.95 -10.93
CA TYR A 11 9.57 -1.01 -9.51
C TYR A 11 10.54 -1.96 -8.81
N GLU A 12 10.65 -1.78 -7.50
CA GLU A 12 11.54 -2.62 -6.71
C GLU A 12 10.75 -3.75 -6.04
N GLY A 13 9.66 -3.35 -5.38
CA GLY A 13 8.81 -4.31 -4.69
C GLY A 13 7.43 -3.71 -4.40
N GLY A 14 7.42 -2.80 -3.42
CA GLY A 14 6.18 -2.15 -3.03
C GLY A 14 6.22 -1.74 -1.56
N GLY A 15 5.13 -1.12 -1.12
CA GLY A 15 5.02 -0.68 0.25
C GLY A 15 3.57 -0.69 0.73
N GLY A 16 2.82 0.31 0.27
CA GLY A 16 1.42 0.42 0.63
C GLY A 16 0.53 -0.31 -0.37
N SER A 17 -0.72 -0.52 0.03
CA SER A 17 -1.68 -1.20 -0.83
C SER A 17 -3.09 -1.01 -0.28
N ALA A 18 -4.07 -1.34 -1.11
CA ALA A 18 -5.46 -1.21 -0.74
C ALA A 18 -5.64 -1.68 0.71
N ALA A 19 -5.20 -2.90 0.96
CA ALA A 19 -5.29 -3.49 2.28
C ALA A 19 -4.67 -2.54 3.30
N GLU A 20 -3.41 -2.18 3.04
CA GLU A 20 -2.68 -1.29 3.92
C GLU A 20 -2.79 0.15 3.42
N ALA A 21 -4.01 0.52 3.04
CA ALA A 21 -4.26 1.87 2.54
C ALA A 21 -5.42 2.49 3.33
N TYR A 22 -6.51 1.76 3.39
CA TYR A 22 -7.69 2.24 4.11
C TYR A 22 -7.70 1.72 5.55
N ALA A 23 -7.32 0.45 5.69
CA ALA A 23 -7.28 -0.17 6.99
C ALA A 23 -6.47 0.69 7.95
N LYS A 24 -5.29 1.06 7.49
CA LYS A 24 -4.40 1.89 8.30
C LYS A 24 -5.22 2.99 8.98
N ARG A 25 -6.05 3.64 8.20
CA ARG A 25 -6.90 4.71 8.72
C ARG A 25 -7.95 4.13 9.67
N ILE A 26 -8.54 3.02 9.25
CA ILE A 26 -9.55 2.36 10.06
C ILE A 26 -9.07 2.28 11.51
N ALA A 27 -7.93 1.61 11.68
CA ALA A 27 -7.36 1.45 13.00
C ALA A 27 -7.35 2.80 13.73
N GLU A 28 -6.77 3.79 13.07
CA GLU A 28 -6.70 5.12 13.64
C GLU A 28 -8.07 5.56 14.16
N ALA A 29 -9.02 5.62 13.25
CA ALA A 29 -10.38 6.01 13.60
C ALA A 29 -10.81 5.27 14.87
N MET A 30 -10.89 3.95 14.74
CA MET A 30 -11.28 3.12 15.87
C MET A 30 -10.65 3.62 17.17
N ALA A 31 -9.34 3.73 17.16
CA ALA A 31 -8.61 4.19 18.32
C ALA A 31 -8.77 5.70 18.46
N LYS A 32 -9.56 6.09 19.46
CA LYS A 32 -9.82 7.51 19.71
C LYS A 32 -9.21 7.90 21.05
N GLY A 33 -8.41 8.96 21.01
CA GLY A 33 -7.76 9.45 22.22
C GLY A 33 -6.33 8.93 22.31
#